data_1T0C
#
_entry.id   1T0C
#
_entity_poly.entity_id   1
_entity_poly.type   'polypeptide(L)'
_entity_poly.pdbx_seq_one_letter_code
;EAEDLQVGQVELGGGPGAGSLQPLALEGSLQ
;
_entity_poly.pdbx_strand_id   A
#
# COMPACT_ATOMS: atom_id res chain seq x y z
N GLU A 1 9.71 15.87 -13.91
CA GLU A 1 8.55 14.97 -13.72
C GLU A 1 7.92 15.16 -12.34
N ALA A 2 6.79 14.51 -12.11
CA ALA A 2 6.09 14.61 -10.83
C ALA A 2 6.15 13.31 -10.05
N GLU A 3 6.69 12.34 -10.69
CA GLU A 3 6.85 11.01 -10.11
C GLU A 3 8.02 10.96 -9.16
N ASP A 4 8.77 12.00 -9.25
CA ASP A 4 9.92 12.20 -8.41
C ASP A 4 9.49 13.17 -7.36
N LEU A 5 8.25 13.52 -7.51
CA LEU A 5 7.62 14.45 -6.63
C LEU A 5 7.02 13.73 -5.44
N GLN A 6 6.74 12.44 -5.64
CA GLN A 6 6.16 11.62 -4.59
C GLN A 6 6.78 10.24 -4.56
N VAL A 7 6.97 9.64 -5.74
CA VAL A 7 7.54 8.31 -5.86
C VAL A 7 6.80 7.28 -5.01
N GLY A 8 5.76 7.72 -4.29
CA GLY A 8 4.97 6.81 -3.48
C GLY A 8 5.74 6.25 -2.28
N GLN A 9 6.62 7.07 -1.70
CA GLN A 9 7.39 6.63 -0.54
C GLN A 9 8.06 7.83 0.14
N VAL A 10 7.38 8.97 0.10
CA VAL A 10 7.91 10.19 0.70
C VAL A 10 6.80 11.22 0.97
N GLU A 11 5.71 11.16 0.20
CA GLU A 11 4.62 12.09 0.37
C GLU A 11 3.37 11.46 -0.22
N LEU A 12 3.56 10.81 -1.39
CA LEU A 12 2.50 10.15 -2.10
C LEU A 12 1.15 10.80 -1.89
N GLY A 13 0.64 10.65 -0.68
CA GLY A 13 -0.64 11.22 -0.31
C GLY A 13 -1.80 10.56 -1.05
N GLY A 14 -1.87 9.24 -0.98
CA GLY A 14 -2.95 8.52 -1.63
C GLY A 14 -3.27 7.21 -0.94
N GLY A 15 -3.73 6.23 -1.70
CA GLY A 15 -4.07 4.94 -1.13
C GLY A 15 -3.96 3.80 -2.13
N PRO A 16 -4.95 3.66 -3.04
CA PRO A 16 -4.95 2.59 -4.04
C PRO A 16 -3.90 2.79 -5.10
N GLY A 17 -4.07 3.88 -5.78
CA GLY A 17 -3.17 4.28 -6.84
C GLY A 17 -2.06 5.14 -6.30
N ALA A 18 -1.60 4.77 -5.12
CA ALA A 18 -0.57 5.48 -4.43
C ALA A 18 0.71 4.68 -4.36
N GLY A 19 0.99 4.22 -3.18
CA GLY A 19 2.17 3.42 -2.93
C GLY A 19 1.82 2.01 -2.51
N SER A 20 0.91 1.38 -3.25
CA SER A 20 0.49 0.02 -2.97
C SER A 20 -0.39 -0.03 -1.71
N LEU A 21 -0.58 -1.23 -1.18
CA LEU A 21 -1.41 -1.41 0.01
C LEU A 21 -0.75 -0.77 1.24
N GLN A 22 -1.59 -0.37 2.19
CA GLN A 22 -1.12 0.26 3.42
C GLN A 22 -0.11 -0.62 4.16
N PRO A 23 -0.47 -1.89 4.45
CA PRO A 23 0.43 -2.80 5.13
C PRO A 23 1.62 -3.11 4.28
N LEU A 24 1.28 -3.14 3.03
CA LEU A 24 2.23 -3.39 1.97
C LEU A 24 2.84 -2.09 1.47
N ALA A 25 2.74 -1.03 2.28
CA ALA A 25 3.27 0.27 1.92
C ALA A 25 4.50 0.62 2.76
N LEU A 26 4.80 -0.19 3.76
CA LEU A 26 5.95 0.08 4.63
C LEU A 26 5.87 1.52 5.14
N GLU A 27 4.63 2.00 5.24
CA GLU A 27 4.36 3.36 5.69
C GLU A 27 2.90 3.48 6.11
N GLY A 28 2.26 4.58 5.74
CA GLY A 28 0.88 4.80 6.11
C GLY A 28 0.76 5.32 7.52
N SER A 29 1.80 6.02 7.98
CA SER A 29 1.83 6.57 9.33
C SER A 29 2.11 5.48 10.36
N LEU A 30 2.48 4.31 9.86
CA LEU A 30 2.75 3.13 10.70
C LEU A 30 1.43 2.49 11.00
N GLN A 31 0.65 2.45 9.94
CA GLN A 31 -0.67 1.90 9.94
C GLN A 31 -1.52 2.48 11.06
N GLU A 1 2.53 19.70 -4.58
CA GLU A 1 1.49 20.09 -3.58
C GLU A 1 0.90 18.86 -2.90
N ALA A 2 1.78 17.95 -2.46
CA ALA A 2 1.35 16.71 -1.78
C ALA A 2 0.95 15.63 -2.76
N GLU A 3 0.99 16.00 -3.99
CA GLU A 3 0.65 15.09 -5.09
C GLU A 3 1.77 14.16 -5.40
N ASP A 4 2.87 14.50 -4.83
CA ASP A 4 4.07 13.73 -4.96
C ASP A 4 4.22 12.97 -3.69
N LEU A 5 3.25 13.24 -2.87
CA LEU A 5 3.16 12.62 -1.57
C LEU A 5 2.56 11.24 -1.68
N GLN A 6 1.57 11.12 -2.56
CA GLN A 6 0.88 9.87 -2.81
C GLN A 6 -0.51 10.16 -3.38
N VAL A 7 -0.54 10.44 -4.66
CA VAL A 7 -1.76 10.77 -5.34
C VAL A 7 -2.68 9.56 -5.45
N GLY A 8 -2.10 8.36 -5.44
CA GLY A 8 -2.89 7.16 -5.51
C GLY A 8 -2.24 6.00 -4.80
N GLN A 9 -1.35 5.31 -5.49
CA GLN A 9 -0.63 4.19 -4.91
C GLN A 9 0.85 4.50 -4.78
N VAL A 10 1.34 5.35 -5.67
CA VAL A 10 2.76 5.75 -5.67
C VAL A 10 2.96 7.05 -6.44
N GLU A 11 2.31 7.16 -7.59
CA GLU A 11 2.44 8.34 -8.44
C GLU A 11 1.32 8.34 -9.45
N LEU A 12 1.04 7.15 -9.98
CA LEU A 12 0.00 6.91 -10.94
C LEU A 12 -1.18 7.81 -10.69
N GLY A 13 -1.39 8.00 -9.41
CA GLY A 13 -2.47 8.84 -8.92
C GLY A 13 -3.79 8.62 -9.65
N GLY A 14 -3.96 7.45 -10.23
CA GLY A 14 -5.19 7.15 -10.95
C GLY A 14 -6.40 7.06 -10.02
N GLY A 15 -7.22 8.11 -10.02
CA GLY A 15 -8.40 8.14 -9.16
C GLY A 15 -9.12 6.81 -9.05
N PRO A 16 -9.33 6.09 -10.16
CA PRO A 16 -10.03 4.80 -10.14
C PRO A 16 -9.27 3.75 -9.36
N GLY A 17 -8.06 3.62 -9.76
CA GLY A 17 -7.13 2.67 -9.16
C GLY A 17 -6.25 3.35 -8.15
N ALA A 18 -6.78 4.39 -7.53
CA ALA A 18 -6.08 5.18 -6.56
C ALA A 18 -6.21 4.63 -5.15
N GLY A 19 -6.95 3.57 -5.10
CA GLY A 19 -7.21 2.87 -3.86
C GLY A 19 -5.93 2.47 -3.14
N SER A 20 -5.01 1.87 -3.88
CA SER A 20 -3.73 1.45 -3.31
C SER A 20 -3.94 0.47 -2.16
N LEU A 21 -2.88 -0.24 -1.79
CA LEU A 21 -2.94 -1.21 -0.71
C LEU A 21 -2.13 -0.73 0.49
N GLN A 22 -2.82 -0.59 1.61
CA GLN A 22 -2.19 -0.13 2.84
C GLN A 22 -1.71 -1.27 3.74
N PRO A 23 -2.17 -2.54 3.55
CA PRO A 23 -1.71 -3.64 4.39
C PRO A 23 -0.30 -4.01 4.08
N LEU A 24 -0.05 -3.86 2.84
CA LEU A 24 1.24 -4.12 2.23
C LEU A 24 1.92 -2.80 1.88
N ALA A 25 1.59 -1.75 2.63
CA ALA A 25 2.14 -0.44 2.41
C ALA A 25 3.45 -0.24 3.18
N LEU A 26 3.63 -1.01 4.25
CA LEU A 26 4.84 -0.89 5.07
C LEU A 26 5.07 0.58 5.41
N GLU A 27 3.96 1.31 5.52
CA GLU A 27 4.00 2.73 5.83
C GLU A 27 2.61 3.22 6.24
N GLY A 28 2.21 4.35 5.69
CA GLY A 28 0.92 4.92 6.03
C GLY A 28 0.92 5.52 7.41
N SER A 29 2.08 6.01 7.82
CA SER A 29 2.25 6.61 9.15
C SER A 29 2.35 5.55 10.23
N LEU A 30 2.56 4.30 9.79
CA LEU A 30 2.64 3.15 10.68
C LEU A 30 1.24 2.69 10.95
N GLN A 31 0.51 2.68 9.85
CA GLN A 31 -0.87 2.30 9.82
C GLN A 31 -1.68 3.05 10.87
N GLU A 1 20.10 14.45 -10.87
CA GLU A 1 19.77 13.07 -11.34
C GLU A 1 18.36 12.66 -10.90
N ALA A 2 17.91 11.51 -11.39
CA ALA A 2 16.58 11.01 -11.05
C ALA A 2 16.65 9.76 -10.19
N GLU A 3 17.84 9.30 -10.02
CA GLU A 3 18.11 8.12 -9.22
C GLU A 3 18.12 8.43 -7.76
N ASP A 4 18.13 9.69 -7.53
CA ASP A 4 18.10 10.22 -6.19
C ASP A 4 16.71 10.69 -5.96
N LEU A 5 15.96 10.48 -7.01
CA LEU A 5 14.58 10.85 -7.04
C LEU A 5 13.74 9.79 -6.35
N GLN A 6 14.12 8.54 -6.58
CA GLN A 6 13.45 7.39 -5.99
C GLN A 6 13.70 6.17 -6.86
N VAL A 7 14.87 5.58 -6.67
CA VAL A 7 15.28 4.44 -7.43
C VAL A 7 14.47 3.20 -7.04
N GLY A 8 14.01 3.17 -5.79
CA GLY A 8 13.21 2.04 -5.34
C GLY A 8 12.31 2.41 -4.18
N GLN A 9 12.85 2.38 -2.97
CA GLN A 9 12.08 2.73 -1.79
C GLN A 9 12.75 3.87 -1.02
N VAL A 10 14.04 4.05 -1.26
CA VAL A 10 14.80 5.10 -0.60
C VAL A 10 16.08 5.41 -1.36
N GLU A 11 16.78 4.36 -1.79
CA GLU A 11 18.03 4.50 -2.50
C GLU A 11 18.33 3.22 -3.23
N LEU A 12 17.29 2.44 -3.49
CA LEU A 12 17.44 1.17 -4.12
C LEU A 12 16.11 0.49 -4.32
N GLY A 13 15.44 0.24 -3.20
CA GLY A 13 14.15 -0.43 -3.22
C GLY A 13 14.04 -1.52 -4.27
N GLY A 14 15.15 -2.16 -4.58
CA GLY A 14 15.15 -3.22 -5.57
C GLY A 14 15.31 -4.60 -4.95
N GLY A 15 14.49 -5.55 -5.41
CA GLY A 15 14.54 -6.90 -4.91
C GLY A 15 13.26 -7.31 -4.20
N PRO A 16 12.93 -6.66 -3.07
CA PRO A 16 11.76 -6.98 -2.27
C PRO A 16 10.57 -6.09 -2.51
N GLY A 17 10.63 -4.92 -1.94
CA GLY A 17 9.57 -3.93 -2.07
C GLY A 17 9.79 -3.08 -3.29
N ALA A 18 10.29 -3.73 -4.33
CA ALA A 18 10.60 -3.09 -5.57
C ALA A 18 9.47 -3.14 -6.56
N GLY A 19 8.42 -3.72 -6.09
CA GLY A 19 7.20 -3.88 -6.87
C GLY A 19 6.11 -2.91 -6.46
N SER A 20 6.52 -1.77 -5.89
CA SER A 20 5.58 -0.75 -5.44
C SER A 20 4.68 -1.29 -4.33
N LEU A 21 4.61 -0.55 -3.23
CA LEU A 21 3.78 -0.96 -2.09
C LEU A 21 3.05 0.23 -1.48
N GLN A 22 1.89 0.54 -2.01
CA GLN A 22 1.09 1.66 -1.51
C GLN A 22 0.06 1.19 -0.47
N PRO A 23 -0.98 0.44 -0.88
CA PRO A 23 -1.99 -0.06 0.06
C PRO A 23 -1.48 -1.22 0.86
N LEU A 24 -0.62 -1.89 0.21
CA LEU A 24 0.06 -3.06 0.72
C LEU A 24 1.38 -2.68 1.38
N ALA A 25 1.40 -1.50 1.98
CA ALA A 25 2.59 -0.98 2.64
C ALA A 25 2.39 -0.89 4.15
N LEU A 26 3.45 -1.19 4.90
CA LEU A 26 3.38 -1.09 6.36
C LEU A 26 3.59 0.34 6.81
N GLU A 27 3.64 1.22 5.83
CA GLU A 27 3.81 2.64 6.05
C GLU A 27 2.51 3.28 6.50
N GLY A 28 2.06 4.26 5.74
CA GLY A 28 0.83 4.96 6.08
C GLY A 28 0.90 5.59 7.45
N SER A 29 2.09 6.05 7.81
CA SER A 29 2.33 6.67 9.11
C SER A 29 2.42 5.61 10.20
N LEU A 30 2.62 4.35 9.77
CA LEU A 30 2.69 3.21 10.67
C LEU A 30 1.29 2.72 10.88
N GLN A 31 0.61 2.69 9.76
CA GLN A 31 -0.78 2.28 9.67
C GLN A 31 -1.64 3.01 10.71
N GLU A 1 -6.19 -3.74 -15.61
CA GLU A 1 -6.97 -4.72 -14.83
C GLU A 1 -8.40 -4.23 -14.58
N ALA A 2 -9.23 -5.09 -14.02
CA ALA A 2 -10.62 -4.74 -13.74
C ALA A 2 -10.91 -4.69 -12.26
N GLU A 3 -9.91 -5.05 -11.50
CA GLU A 3 -9.99 -5.06 -10.05
C GLU A 3 -9.76 -3.70 -9.46
N ASP A 4 -9.49 -2.82 -10.34
CA ASP A 4 -9.25 -1.43 -10.00
C ASP A 4 -10.52 -0.71 -10.28
N LEU A 5 -11.44 -1.54 -10.70
CA LEU A 5 -12.76 -1.09 -11.05
C LEU A 5 -13.63 -0.93 -9.83
N GLN A 6 -13.51 -1.89 -8.92
CA GLN A 6 -14.27 -1.89 -7.68
C GLN A 6 -14.31 -3.32 -7.12
N VAL A 7 -13.22 -3.70 -6.50
CA VAL A 7 -13.07 -5.02 -5.93
C VAL A 7 -13.92 -5.19 -4.67
N GLY A 8 -14.25 -4.09 -4.01
CA GLY A 8 -15.06 -4.15 -2.81
C GLY A 8 -14.58 -3.22 -1.71
N GLN A 9 -14.14 -2.03 -2.10
CA GLN A 9 -13.66 -1.04 -1.13
C GLN A 9 -12.36 -1.50 -0.49
N VAL A 10 -11.75 -2.52 -1.06
CA VAL A 10 -10.48 -3.05 -0.55
C VAL A 10 -9.28 -2.32 -1.15
N GLU A 11 -9.50 -1.66 -2.29
CA GLU A 11 -8.42 -0.97 -2.96
C GLU A 11 -9.01 0.00 -3.96
N LEU A 12 -10.08 -0.46 -4.63
CA LEU A 12 -10.79 0.32 -5.62
C LEU A 12 -9.87 1.23 -6.41
N GLY A 13 -9.39 2.27 -5.74
CA GLY A 13 -8.50 3.22 -6.36
C GLY A 13 -9.23 4.42 -6.93
N GLY A 14 -10.49 4.21 -7.33
CA GLY A 14 -11.26 5.29 -7.90
C GLY A 14 -10.84 5.64 -9.32
N GLY A 15 -9.60 6.12 -9.46
CA GLY A 15 -9.10 6.49 -10.77
C GLY A 15 -7.78 7.23 -10.70
N PRO A 16 -7.73 8.37 -9.97
CA PRO A 16 -6.51 9.16 -9.84
C PRO A 16 -5.43 8.44 -9.08
N GLY A 17 -5.82 8.03 -7.92
CA GLY A 17 -4.95 7.29 -7.03
C GLY A 17 -5.11 5.80 -7.22
N ALA A 18 -5.75 5.43 -8.32
CA ALA A 18 -6.01 4.04 -8.65
C ALA A 18 -4.80 3.35 -9.22
N GLY A 19 -3.80 4.15 -9.42
CA GLY A 19 -2.54 3.69 -9.96
C GLY A 19 -1.44 3.64 -8.90
N SER A 20 -1.57 4.48 -7.88
CA SER A 20 -0.58 4.53 -6.81
C SER A 20 -0.82 3.43 -5.79
N LEU A 21 0.25 2.74 -5.41
CA LEU A 21 0.17 1.66 -4.43
C LEU A 21 0.27 2.19 -3.02
N GLN A 22 0.67 1.32 -2.08
CA GLN A 22 0.82 1.67 -0.65
C GLN A 22 -0.09 0.83 0.26
N PRO A 23 -1.21 0.24 -0.26
CA PRO A 23 -2.09 -0.57 0.58
C PRO A 23 -1.33 -1.69 1.20
N LEU A 24 -0.46 -2.15 0.39
CA LEU A 24 0.46 -3.22 0.70
C LEU A 24 1.77 -2.67 1.24
N ALA A 25 1.66 -1.64 2.07
CA ALA A 25 2.83 -0.99 2.66
C ALA A 25 2.73 -0.92 4.17
N LEU A 26 3.86 -1.07 4.85
CA LEU A 26 3.87 -0.98 6.31
C LEU A 26 3.96 0.48 6.73
N GLU A 27 3.86 1.35 5.75
CA GLU A 27 3.90 2.78 5.95
C GLU A 27 2.56 3.29 6.46
N GLY A 28 1.99 4.23 5.74
CA GLY A 28 0.71 4.81 6.13
C GLY A 28 0.79 5.43 7.51
N SER A 29 1.95 6.01 7.82
CA SER A 29 2.18 6.63 9.11
C SER A 29 2.39 5.57 10.19
N LEU A 30 2.67 4.34 9.74
CA LEU A 30 2.87 3.19 10.61
C LEU A 30 1.52 2.59 10.88
N GLN A 31 0.80 2.52 9.77
CA GLN A 31 -0.54 2.00 9.72
C GLN A 31 -1.43 2.64 10.79
N GLU A 1 -11.55 25.36 6.55
CA GLU A 1 -10.37 24.89 5.79
C GLU A 1 -10.14 23.39 5.99
N ALA A 2 -11.00 22.58 5.38
CA ALA A 2 -10.90 21.13 5.49
C ALA A 2 -9.76 20.58 4.66
N GLU A 3 -9.19 21.44 3.89
CA GLU A 3 -8.07 21.09 3.02
C GLU A 3 -6.79 21.01 3.78
N ASP A 4 -6.87 21.50 4.96
CA ASP A 4 -5.79 21.49 5.90
C ASP A 4 -6.06 20.41 6.86
N LEU A 5 -7.17 19.78 6.58
CA LEU A 5 -7.66 18.69 7.36
C LEU A 5 -7.01 17.40 6.91
N GLN A 6 -6.78 17.33 5.61
CA GLN A 6 -6.15 16.17 5.00
C GLN A 6 -5.69 16.53 3.62
N VAL A 7 -4.60 17.24 3.61
CA VAL A 7 -4.00 17.72 2.40
C VAL A 7 -3.64 16.58 1.45
N GLY A 8 -3.60 15.35 1.99
CA GLY A 8 -3.30 14.20 1.17
C GLY A 8 -4.06 12.97 1.62
N GLN A 9 -3.51 12.26 2.60
CA GLN A 9 -4.15 11.07 3.13
C GLN A 9 -4.73 11.36 4.51
N VAL A 10 -4.10 12.28 5.24
CA VAL A 10 -4.54 12.65 6.57
C VAL A 10 -3.95 14.00 6.98
N GLU A 11 -2.65 14.17 6.77
CA GLU A 11 -1.97 15.40 7.13
C GLU A 11 -0.60 15.44 6.46
N LEU A 12 0.04 14.26 6.46
CA LEU A 12 1.34 14.04 5.86
C LEU A 12 1.62 15.02 4.74
N GLY A 13 0.58 15.25 4.00
CA GLY A 13 0.61 16.17 2.87
C GLY A 13 1.88 16.06 2.04
N GLY A 14 2.53 14.89 2.09
CA GLY A 14 3.75 14.69 1.32
C GLY A 14 4.76 13.83 2.05
N GLY A 15 4.39 12.58 2.31
CA GLY A 15 5.28 11.68 3.01
C GLY A 15 5.02 10.22 2.67
N PRO A 16 4.12 9.55 3.41
CA PRO A 16 3.79 8.14 3.18
C PRO A 16 3.10 7.93 1.86
N GLY A 17 2.07 8.69 1.71
CA GLY A 17 1.26 8.66 0.50
C GLY A 17 1.75 9.64 -0.54
N ALA A 18 2.96 10.15 -0.33
CA ALA A 18 3.56 11.10 -1.23
C ALA A 18 3.94 10.49 -2.56
N GLY A 19 3.89 9.21 -2.57
CA GLY A 19 4.21 8.43 -3.75
C GLY A 19 3.14 7.40 -4.07
N SER A 20 1.99 7.50 -3.42
CA SER A 20 0.89 6.57 -3.65
C SER A 20 1.30 5.14 -3.31
N LEU A 21 1.31 4.83 -2.01
CA LEU A 21 1.68 3.50 -1.55
C LEU A 21 0.90 3.11 -0.30
N GLN A 22 -0.28 2.52 -0.51
CA GLN A 22 -1.13 2.11 0.61
C GLN A 22 -0.89 0.65 0.99
N PRO A 23 -1.31 -0.32 0.15
CA PRO A 23 -1.10 -1.74 0.45
C PRO A 23 0.31 -2.16 0.24
N LEU A 24 0.86 -1.47 -0.70
CA LEU A 24 2.24 -1.65 -1.12
C LEU A 24 3.17 -0.71 -0.35
N ALA A 25 3.02 -0.69 0.97
CA ALA A 25 3.83 0.16 1.81
C ALA A 25 3.57 -0.10 3.28
N LEU A 26 4.64 -0.25 4.06
CA LEU A 26 4.50 -0.47 5.49
C LEU A 26 4.37 0.86 6.22
N GLU A 27 4.19 1.90 5.42
CA GLU A 27 4.03 3.26 5.91
C GLU A 27 2.62 3.48 6.42
N GLY A 28 1.97 4.45 5.83
CA GLY A 28 0.62 4.80 6.22
C GLY A 28 0.58 5.36 7.62
N SER A 29 1.66 6.04 7.99
CA SER A 29 1.79 6.63 9.32
C SER A 29 2.10 5.56 10.36
N LEU A 30 2.51 4.39 9.87
CA LEU A 30 2.82 3.24 10.71
C LEU A 30 1.54 2.51 10.96
N GLN A 31 0.82 2.41 9.86
CA GLN A 31 -0.47 1.76 9.81
C GLN A 31 -1.40 2.30 10.89
N GLU A 1 -2.07 10.99 2.97
CA GLU A 1 -3.07 12.04 2.62
C GLU A 1 -2.94 12.46 1.15
N ALA A 2 -2.78 11.47 0.28
CA ALA A 2 -2.63 11.72 -1.18
C ALA A 2 -1.21 12.07 -1.54
N GLU A 3 -0.40 12.18 -0.54
CA GLU A 3 1.01 12.49 -0.70
C GLU A 3 1.82 11.28 -1.04
N ASP A 4 1.11 10.20 -1.05
CA ASP A 4 1.66 8.91 -1.39
C ASP A 4 1.38 8.71 -2.83
N LEU A 5 0.81 9.75 -3.35
CA LEU A 5 0.42 9.79 -4.72
C LEU A 5 1.60 10.17 -5.58
N GLN A 6 2.47 10.97 -4.98
CA GLN A 6 3.66 11.46 -5.63
C GLN A 6 4.85 11.47 -4.67
N VAL A 7 4.59 11.90 -3.44
CA VAL A 7 5.63 12.01 -2.40
C VAL A 7 6.70 13.03 -2.78
N GLY A 8 6.92 13.22 -4.08
CA GLY A 8 7.91 14.20 -4.51
C GLY A 8 8.88 13.66 -5.53
N GLN A 9 8.38 12.84 -6.45
CA GLN A 9 9.21 12.25 -7.50
C GLN A 9 10.23 11.27 -6.89
N VAL A 10 10.03 10.93 -5.62
CA VAL A 10 10.92 10.01 -4.94
C VAL A 10 10.45 8.56 -5.10
N GLU A 11 9.18 8.38 -5.45
CA GLU A 11 8.63 7.05 -5.59
C GLU A 11 7.36 7.12 -6.41
N LEU A 12 6.57 8.18 -6.15
CA LEU A 12 5.32 8.42 -6.82
C LEU A 12 4.61 7.14 -7.22
N GLY A 13 5.17 6.47 -8.20
CA GLY A 13 4.61 5.24 -8.70
C GLY A 13 3.62 5.47 -9.82
N GLY A 14 2.58 6.25 -9.54
CA GLY A 14 1.57 6.55 -10.54
C GLY A 14 0.53 5.46 -10.64
N GLY A 15 -0.69 5.78 -10.23
CA GLY A 15 -1.76 4.81 -10.28
C GLY A 15 -2.22 4.39 -8.90
N PRO A 16 -3.41 4.80 -8.48
CA PRO A 16 -3.96 4.44 -7.16
C PRO A 16 -3.79 2.98 -6.88
N GLY A 17 -4.06 2.28 -7.92
CA GLY A 17 -3.96 0.82 -7.93
C GLY A 17 -2.68 0.37 -8.58
N ALA A 18 -1.65 1.21 -8.47
CA ALA A 18 -0.35 0.95 -9.05
C ALA A 18 0.46 -0.02 -8.24
N GLY A 19 -0.12 -0.37 -7.13
CA GLY A 19 0.50 -1.29 -6.19
C GLY A 19 0.96 -0.61 -4.93
N SER A 20 0.07 -0.50 -3.95
CA SER A 20 0.39 0.13 -2.67
C SER A 20 -0.12 -0.71 -1.51
N LEU A 21 -1.41 -0.59 -1.21
CA LEU A 21 -2.03 -1.33 -0.13
C LEU A 21 -1.42 -0.93 1.22
N GLN A 22 -2.29 -0.63 2.17
CA GLN A 22 -1.87 -0.20 3.52
C GLN A 22 -0.96 -1.24 4.17
N PRO A 23 -1.39 -2.51 4.26
CA PRO A 23 -0.59 -3.56 4.85
C PRO A 23 0.64 -3.81 4.06
N LEU A 24 0.41 -3.69 2.81
CA LEU A 24 1.43 -3.86 1.79
C LEU A 24 2.07 -2.53 1.43
N ALA A 25 2.03 -1.58 2.36
CA ALA A 25 2.59 -0.26 2.13
C ALA A 25 3.85 -0.04 2.94
N LEU A 26 4.05 -0.85 3.99
CA LEU A 26 5.22 -0.71 4.84
C LEU A 26 5.37 0.74 5.27
N GLU A 27 4.23 1.41 5.39
CA GLU A 27 4.18 2.82 5.76
C GLU A 27 2.76 3.22 6.15
N GLY A 28 2.31 4.36 5.67
CA GLY A 28 1.00 4.84 5.99
C GLY A 28 0.96 5.44 7.39
N SER A 29 2.10 5.97 7.83
CA SER A 29 2.22 6.56 9.16
C SER A 29 2.35 5.49 10.23
N LEU A 30 2.58 4.26 9.78
CA LEU A 30 2.69 3.10 10.67
C LEU A 30 1.30 2.61 10.93
N GLN A 31 0.57 2.60 9.85
CA GLN A 31 -0.80 2.19 9.81
C GLN A 31 -1.64 2.92 10.85
N GLU A 1 23.66 -3.88 13.39
CA GLU A 1 23.71 -2.42 13.14
C GLU A 1 22.34 -1.86 12.80
N ALA A 2 21.33 -2.26 13.59
CA ALA A 2 19.94 -1.83 13.38
C ALA A 2 19.22 -2.67 12.36
N GLU A 3 19.96 -3.55 11.76
CA GLU A 3 19.45 -4.46 10.76
C GLU A 3 18.74 -5.62 11.40
N ASP A 4 18.94 -5.70 12.66
CA ASP A 4 18.32 -6.70 13.48
C ASP A 4 17.18 -6.03 14.15
N LEU A 5 17.09 -4.78 13.80
CA LEU A 5 16.07 -3.92 14.29
C LEU A 5 14.82 -4.04 13.45
N GLN A 6 14.99 -4.55 12.24
CA GLN A 6 13.89 -4.72 11.32
C GLN A 6 14.10 -5.88 10.34
N VAL A 7 15.34 -6.11 9.94
CA VAL A 7 15.66 -7.20 9.01
C VAL A 7 14.76 -7.23 7.77
N GLY A 8 13.79 -6.31 7.69
CA GLY A 8 12.91 -6.28 6.53
C GLY A 8 11.69 -7.18 6.67
N GLN A 9 11.12 -7.22 7.86
CA GLN A 9 9.93 -8.03 8.11
C GLN A 9 9.32 -7.69 9.47
N VAL A 10 9.31 -6.41 9.78
CA VAL A 10 8.75 -5.93 11.05
C VAL A 10 8.43 -4.43 11.00
N GLU A 11 9.18 -3.68 10.19
CA GLU A 11 8.97 -2.26 10.06
C GLU A 11 9.55 -1.82 8.74
N LEU A 12 10.73 -2.37 8.41
CA LEU A 12 11.42 -2.08 7.18
C LEU A 12 11.16 -0.66 6.67
N GLY A 13 9.94 -0.46 6.22
CA GLY A 13 9.54 0.83 5.70
C GLY A 13 9.53 0.87 4.18
N GLY A 14 9.12 -0.23 3.57
CA GLY A 14 9.07 -0.30 2.12
C GLY A 14 8.04 0.62 1.52
N GLY A 15 8.26 1.94 1.65
CA GLY A 15 7.32 2.90 1.12
C GLY A 15 7.55 3.22 -0.36
N PRO A 16 8.13 4.39 -0.67
CA PRO A 16 8.37 4.81 -2.04
C PRO A 16 9.74 4.46 -2.57
N GLY A 17 10.70 5.19 -2.10
CA GLY A 17 12.08 4.99 -2.49
C GLY A 17 12.76 4.01 -1.57
N ALA A 18 11.97 3.08 -1.06
CA ALA A 18 12.43 2.06 -0.15
C ALA A 18 13.14 0.93 -0.84
N GLY A 19 13.07 1.00 -2.13
CA GLY A 19 13.68 0.01 -3.00
C GLY A 19 13.31 -1.41 -2.62
N SER A 20 12.00 -1.68 -2.57
CA SER A 20 11.51 -3.01 -2.22
C SER A 20 10.20 -3.33 -2.95
N LEU A 21 9.11 -2.79 -2.42
CA LEU A 21 7.80 -3.01 -3.01
C LEU A 21 7.03 -1.70 -3.17
N GLN A 22 6.28 -1.29 -2.13
CA GLN A 22 5.51 -0.04 -2.14
C GLN A 22 4.00 -0.23 -2.33
N PRO A 23 3.52 -1.35 -2.92
CA PRO A 23 2.08 -1.55 -3.10
C PRO A 23 1.40 -1.82 -1.80
N LEU A 24 2.15 -2.50 -1.03
CA LEU A 24 1.78 -2.88 0.32
C LEU A 24 2.30 -1.82 1.29
N ALA A 25 3.62 -1.74 1.38
CA ALA A 25 4.26 -0.76 2.24
C ALA A 25 3.78 -0.85 3.69
N LEU A 26 4.72 -1.02 4.61
CA LEU A 26 4.38 -1.08 6.02
C LEU A 26 4.34 0.33 6.61
N GLU A 27 4.34 1.30 5.72
CA GLU A 27 4.29 2.71 6.09
C GLU A 27 2.88 3.12 6.48
N GLY A 28 2.30 3.99 5.69
CA GLY A 28 0.97 4.47 5.96
C GLY A 28 0.91 5.17 7.31
N SER A 29 2.02 5.80 7.68
CA SER A 29 2.11 6.50 8.96
C SER A 29 2.34 5.50 10.09
N LEU A 30 2.73 4.29 9.72
CA LEU A 30 2.95 3.19 10.67
C LEU A 30 1.63 2.51 10.88
N GLN A 31 0.98 2.34 9.74
CA GLN A 31 -0.32 1.74 9.65
C GLN A 31 -1.30 2.37 10.64
N GLU A 1 17.20 -6.17 -2.40
CA GLU A 1 17.38 -7.58 -1.96
C GLU A 1 16.80 -8.56 -2.98
N ALA A 2 15.47 -8.62 -3.04
CA ALA A 2 14.76 -9.52 -3.98
C ALA A 2 14.60 -10.91 -3.42
N GLU A 3 15.19 -11.11 -2.29
CA GLU A 3 15.12 -12.38 -1.59
C GLU A 3 13.89 -12.49 -0.75
N ASP A 4 13.18 -11.42 -0.79
CA ASP A 4 11.91 -11.31 -0.10
C ASP A 4 10.88 -11.68 -1.10
N LEU A 5 11.42 -12.02 -2.23
CA LEU A 5 10.63 -12.40 -3.36
C LEU A 5 10.21 -13.85 -3.24
N GLN A 6 10.99 -14.60 -2.49
CA GLN A 6 10.73 -16.02 -2.28
C GLN A 6 11.27 -16.51 -0.96
N VAL A 7 12.44 -16.03 -0.56
CA VAL A 7 13.10 -16.43 0.69
C VAL A 7 13.31 -17.95 0.77
N GLY A 8 12.32 -18.74 0.36
CA GLY A 8 12.48 -20.18 0.39
C GLY A 8 11.45 -20.88 1.25
N GLN A 9 10.18 -20.54 1.08
CA GLN A 9 9.10 -21.14 1.86
C GLN A 9 9.20 -20.74 3.32
N VAL A 10 10.04 -19.76 3.61
CA VAL A 10 10.22 -19.28 4.97
C VAL A 10 9.25 -18.15 5.30
N GLU A 11 8.69 -17.52 4.27
CA GLU A 11 7.77 -16.41 4.48
C GLU A 11 6.95 -16.21 3.23
N LEU A 12 7.62 -16.35 2.09
CA LEU A 12 7.00 -16.19 0.79
C LEU A 12 5.88 -15.17 0.78
N GLY A 13 4.79 -15.54 1.44
CA GLY A 13 3.65 -14.68 1.53
C GLY A 13 2.38 -15.33 1.03
N GLY A 14 2.47 -16.06 -0.09
CA GLY A 14 1.32 -16.72 -0.64
C GLY A 14 1.36 -16.82 -2.16
N GLY A 15 0.23 -16.54 -2.79
CA GLY A 15 0.16 -16.61 -4.24
C GLY A 15 0.50 -15.30 -4.94
N PRO A 16 -0.50 -14.56 -5.43
CA PRO A 16 -0.29 -13.30 -6.14
C PRO A 16 -0.31 -12.07 -5.26
N GLY A 17 -1.48 -11.74 -4.82
CA GLY A 17 -1.69 -10.59 -3.97
C GLY A 17 -1.11 -10.80 -2.59
N ALA A 18 -0.72 -12.04 -2.33
CA ALA A 18 -0.15 -12.44 -1.06
C ALA A 18 1.12 -11.70 -0.75
N GLY A 19 1.63 -11.06 -1.75
CA GLY A 19 2.86 -10.30 -1.64
C GLY A 19 2.61 -8.80 -1.66
N SER A 20 2.34 -8.26 -2.84
CA SER A 20 2.08 -6.84 -2.99
C SER A 20 0.89 -6.40 -2.14
N LEU A 21 1.06 -5.30 -1.41
CA LEU A 21 0.00 -4.79 -0.55
C LEU A 21 0.20 -3.30 -0.27
N GLN A 22 -0.84 -2.53 -0.54
CA GLN A 22 -0.81 -1.08 -0.35
C GLN A 22 -1.46 -0.63 0.98
N PRO A 23 -2.24 -1.48 1.70
CA PRO A 23 -2.86 -1.08 2.95
C PRO A 23 -1.83 -0.86 4.02
N LEU A 24 -0.85 -1.67 3.85
CA LEU A 24 0.33 -1.68 4.72
C LEU A 24 1.39 -0.78 4.12
N ALA A 25 1.78 -1.09 2.90
CA ALA A 25 2.78 -0.30 2.18
C ALA A 25 4.02 -0.05 3.03
N LEU A 26 4.28 -0.90 4.01
CA LEU A 26 5.44 -0.73 4.89
C LEU A 26 5.55 0.73 5.32
N GLU A 27 4.38 1.37 5.44
CA GLU A 27 4.31 2.76 5.80
C GLU A 27 2.89 3.14 6.19
N GLY A 28 2.40 4.24 5.66
CA GLY A 28 1.06 4.70 5.98
C GLY A 28 1.00 5.33 7.34
N SER A 29 2.12 5.90 7.77
CA SER A 29 2.23 6.54 9.08
C SER A 29 2.39 5.50 10.18
N LEU A 30 2.66 4.26 9.78
CA LEU A 30 2.81 3.14 10.69
C LEU A 30 1.43 2.61 10.98
N GLN A 31 0.70 2.55 9.89
CA GLN A 31 -0.66 2.10 9.87
C GLN A 31 -1.51 2.84 10.89
N GLU A 1 18.69 -22.47 0.14
CA GLU A 1 18.86 -21.62 -1.06
C GLU A 1 18.07 -20.32 -0.93
N ALA A 2 16.75 -20.45 -0.89
CA ALA A 2 15.84 -19.28 -0.77
C ALA A 2 15.57 -18.64 -2.11
N GLU A 3 16.21 -19.17 -3.10
CA GLU A 3 16.06 -18.69 -4.46
C GLU A 3 14.79 -19.18 -5.10
N ASP A 4 14.21 -20.10 -4.40
CA ASP A 4 12.96 -20.70 -4.78
C ASP A 4 11.93 -20.03 -3.95
N LEU A 5 12.48 -19.17 -3.12
CA LEU A 5 11.69 -18.42 -2.19
C LEU A 5 11.16 -17.13 -2.79
N GLN A 6 11.86 -16.62 -3.80
CA GLN A 6 11.45 -15.40 -4.47
C GLN A 6 10.49 -15.67 -5.61
N VAL A 7 9.96 -16.87 -5.61
CA VAL A 7 9.04 -17.30 -6.61
C VAL A 7 7.68 -16.63 -6.43
N GLY A 8 7.68 -15.30 -6.39
CA GLY A 8 6.44 -14.58 -6.22
C GLY A 8 5.70 -14.39 -7.52
N GLN A 9 6.16 -13.43 -8.31
CA GLN A 9 5.57 -13.15 -9.60
C GLN A 9 6.59 -13.41 -10.70
N VAL A 10 7.85 -13.19 -10.38
CA VAL A 10 8.93 -13.39 -11.33
C VAL A 10 10.29 -13.49 -10.59
N GLU A 11 10.51 -12.59 -9.63
CA GLU A 11 11.75 -12.57 -8.85
C GLU A 11 11.49 -11.67 -7.68
N LEU A 12 11.01 -10.51 -8.06
CA LEU A 12 10.62 -9.49 -7.14
C LEU A 12 9.56 -10.02 -6.21
N GLY A 13 8.68 -10.77 -6.83
CA GLY A 13 7.58 -11.38 -6.12
C GLY A 13 6.93 -10.46 -5.10
N GLY A 14 6.98 -9.16 -5.36
CA GLY A 14 6.39 -8.19 -4.44
C GLY A 14 6.48 -6.77 -4.94
N GLY A 15 5.95 -6.52 -6.14
CA GLY A 15 5.98 -5.19 -6.70
C GLY A 15 4.68 -4.79 -7.36
N PRO A 16 4.52 -5.07 -8.67
CA PRO A 16 3.32 -4.71 -9.42
C PRO A 16 2.19 -5.70 -9.29
N GLY A 17 2.52 -6.88 -9.69
CA GLY A 17 1.58 -7.99 -9.66
C GLY A 17 1.64 -8.71 -8.33
N ALA A 18 1.81 -7.93 -7.27
CA ALA A 18 1.92 -8.44 -5.95
C ALA A 18 0.71 -8.07 -5.12
N GLY A 19 0.91 -7.14 -4.24
CA GLY A 19 -0.13 -6.67 -3.36
C GLY A 19 -0.77 -5.40 -3.87
N SER A 20 -0.18 -4.25 -3.53
CA SER A 20 -0.70 -2.96 -3.96
C SER A 20 0.11 -1.82 -3.32
N LEU A 21 0.51 -2.02 -2.08
CA LEU A 21 1.30 -1.03 -1.34
C LEU A 21 0.48 0.22 -1.01
N GLN A 22 -0.66 0.01 -0.36
CA GLN A 22 -1.54 1.11 0.03
C GLN A 22 -1.85 1.04 1.52
N PRO A 23 -2.63 0.04 1.98
CA PRO A 23 -2.94 -0.10 3.40
C PRO A 23 -1.67 -0.30 4.17
N LEU A 24 -0.87 -1.09 3.53
CA LEU A 24 0.43 -1.47 4.02
C LEU A 24 1.49 -0.52 3.50
N ALA A 25 1.82 -0.64 2.22
CA ALA A 25 2.81 0.23 1.59
C ALA A 25 4.06 0.39 2.45
N LEU A 26 4.33 -0.59 3.31
CA LEU A 26 5.49 -0.52 4.20
C LEU A 26 5.58 0.88 4.82
N GLU A 27 4.41 1.49 5.02
CA GLU A 27 4.32 2.82 5.57
C GLU A 27 2.88 3.14 5.95
N GLY A 28 2.40 4.30 5.56
CA GLY A 28 1.05 4.71 5.90
C GLY A 28 1.00 5.34 7.26
N SER A 29 2.14 5.87 7.71
CA SER A 29 2.25 6.51 9.01
C SER A 29 2.35 5.46 10.12
N LEU A 30 2.52 4.21 9.71
CA LEU A 30 2.61 3.08 10.64
C LEU A 30 1.21 2.68 10.97
N GLN A 31 0.43 2.68 9.91
CA GLN A 31 -0.96 2.35 9.95
C GLN A 31 -1.72 3.21 10.95
N GLU A 1 -19.06 5.61 -7.06
CA GLU A 1 -17.83 6.06 -6.35
C GLU A 1 -17.97 5.87 -4.84
N ALA A 2 -17.89 4.63 -4.39
CA ALA A 2 -18.00 4.30 -2.98
C ALA A 2 -16.75 4.63 -2.22
N GLU A 3 -15.75 5.02 -2.96
CA GLU A 3 -14.45 5.38 -2.40
C GLU A 3 -14.45 6.80 -1.92
N ASP A 4 -15.54 7.41 -2.18
CA ASP A 4 -15.79 8.77 -1.78
C ASP A 4 -16.55 8.70 -0.51
N LEU A 5 -16.69 7.46 -0.12
CA LEU A 5 -17.42 7.13 1.06
C LEU A 5 -16.55 7.29 2.28
N GLN A 6 -15.26 7.01 2.09
CA GLN A 6 -14.31 7.11 3.17
C GLN A 6 -13.03 7.81 2.74
N VAL A 7 -12.52 7.44 1.57
CA VAL A 7 -11.28 8.02 1.02
C VAL A 7 -10.09 7.91 1.98
N GLY A 8 -10.33 7.58 3.25
CA GLY A 8 -9.24 7.44 4.20
C GLY A 8 -8.96 8.71 4.99
N GLN A 9 -10.00 9.50 5.26
CA GLN A 9 -9.83 10.74 6.01
C GLN A 9 -11.18 11.38 6.34
N VAL A 10 -12.14 10.56 6.75
CA VAL A 10 -13.46 11.05 7.10
C VAL A 10 -14.22 10.03 7.98
N GLU A 11 -13.97 8.75 7.76
CA GLU A 11 -14.62 7.70 8.50
C GLU A 11 -13.76 6.47 8.42
N LEU A 12 -13.22 6.22 7.21
CA LEU A 12 -12.36 5.10 6.95
C LEU A 12 -12.70 3.88 7.79
N GLY A 13 -12.42 3.99 9.07
CA GLY A 13 -12.70 2.93 10.01
C GLY A 13 -11.51 2.01 10.23
N GLY A 14 -11.01 1.42 9.15
CA GLY A 14 -9.87 0.52 9.27
C GLY A 14 -9.13 0.34 7.95
N GLY A 15 -8.01 1.03 7.81
CA GLY A 15 -7.21 0.94 6.60
C GLY A 15 -7.03 -0.49 6.10
N PRO A 16 -6.77 -1.46 6.98
CA PRO A 16 -6.58 -2.86 6.58
C PRO A 16 -7.82 -3.42 5.94
N GLY A 17 -8.87 -3.27 6.67
CA GLY A 17 -10.18 -3.71 6.24
C GLY A 17 -10.94 -2.61 5.55
N ALA A 18 -10.20 -1.66 5.00
CA ALA A 18 -10.75 -0.52 4.33
C ALA A 18 -10.88 -0.78 2.84
N GLY A 19 -9.94 -0.24 2.12
CA GLY A 19 -9.90 -0.37 0.68
C GLY A 19 -9.17 -1.63 0.22
N SER A 20 -9.00 -2.58 1.14
CA SER A 20 -8.32 -3.83 0.82
C SER A 20 -6.84 -3.60 0.48
N LEU A 21 -6.33 -2.41 0.81
CA LEU A 21 -4.94 -2.08 0.53
C LEU A 21 -4.39 -1.14 1.59
N GLN A 22 -3.05 -1.00 1.59
CA GLN A 22 -2.33 -0.15 2.54
C GLN A 22 -1.62 -0.94 3.65
N PRO A 23 -1.97 -2.23 3.92
CA PRO A 23 -1.30 -2.99 4.98
C PRO A 23 0.06 -3.41 4.54
N LEU A 24 0.10 -3.58 3.28
CA LEU A 24 1.30 -3.97 2.56
C LEU A 24 2.06 -2.73 2.07
N ALA A 25 1.58 -1.56 2.48
CA ALA A 25 2.19 -0.30 2.09
C ALA A 25 3.50 -0.05 2.84
N LEU A 26 3.77 -0.86 3.86
CA LEU A 26 4.99 -0.69 4.65
C LEU A 26 5.13 0.77 5.05
N GLU A 27 3.98 1.42 5.24
CA GLU A 27 3.93 2.81 5.61
C GLU A 27 2.54 3.18 6.10
N GLY A 28 2.04 4.33 5.64
CA GLY A 28 0.73 4.78 6.05
C GLY A 28 0.77 5.38 7.44
N SER A 29 1.92 5.94 7.80
CA SER A 29 2.12 6.55 9.11
C SER A 29 2.32 5.49 10.19
N LEU A 30 2.53 4.25 9.73
CA LEU A 30 2.70 3.10 10.62
C LEU A 30 1.34 2.61 10.98
N GLN A 31 0.53 2.58 9.95
CA GLN A 31 -0.83 2.18 9.99
C GLN A 31 -1.60 2.93 11.07
N GLU A 1 -12.48 -12.23 1.69
CA GLU A 1 -11.64 -12.55 0.51
C GLU A 1 -10.75 -11.38 0.13
N ALA A 2 -9.71 -11.15 0.93
CA ALA A 2 -8.78 -10.06 0.69
C ALA A 2 -7.78 -10.38 -0.39
N GLU A 3 -7.85 -11.60 -0.84
CA GLU A 3 -6.98 -12.07 -1.90
C GLU A 3 -7.48 -11.68 -3.26
N ASP A 4 -8.61 -11.09 -3.21
CA ASP A 4 -9.28 -10.57 -4.39
C ASP A 4 -8.88 -9.15 -4.49
N LEU A 5 -8.03 -8.83 -3.57
CA LEU A 5 -7.50 -7.51 -3.44
C LEU A 5 -6.36 -7.30 -4.40
N GLN A 6 -5.65 -8.38 -4.66
CA GLN A 6 -4.52 -8.37 -5.56
C GLN A 6 -3.87 -9.76 -5.57
N VAL A 7 -4.49 -10.65 -6.32
CA VAL A 7 -4.03 -12.01 -6.45
C VAL A 7 -2.65 -12.08 -7.07
N GLY A 8 -2.35 -11.16 -7.99
CA GLY A 8 -1.06 -11.15 -8.63
C GLY A 8 -1.16 -11.30 -10.14
N GLN A 9 -2.35 -11.04 -10.67
CA GLN A 9 -2.59 -11.14 -12.10
C GLN A 9 -3.99 -10.66 -12.46
N VAL A 10 -4.69 -10.08 -11.48
CA VAL A 10 -6.04 -9.58 -11.72
C VAL A 10 -6.00 -8.19 -12.34
N GLU A 11 -5.20 -7.28 -11.77
CA GLU A 11 -5.12 -5.94 -12.30
C GLU A 11 -3.90 -5.23 -11.74
N LEU A 12 -3.70 -5.45 -10.45
CA LEU A 12 -2.60 -4.91 -9.70
C LEU A 12 -1.36 -4.80 -10.56
N GLY A 13 -1.25 -5.80 -11.37
CA GLY A 13 -0.13 -5.91 -12.30
C GLY A 13 1.14 -6.38 -11.62
N GLY A 14 1.30 -6.08 -10.34
CA GLY A 14 2.48 -6.48 -9.61
C GLY A 14 3.14 -5.31 -8.90
N GLY A 15 3.01 -5.28 -7.58
CA GLY A 15 3.60 -4.21 -6.80
C GLY A 15 2.81 -3.92 -5.53
N PRO A 16 3.26 -4.44 -4.39
CA PRO A 16 2.60 -4.23 -3.10
C PRO A 16 2.28 -2.78 -2.88
N GLY A 17 3.27 -2.04 -3.21
CA GLY A 17 3.23 -0.59 -3.12
C GLY A 17 2.88 0.05 -4.44
N ALA A 18 2.16 -0.71 -5.27
CA ALA A 18 1.75 -0.27 -6.58
C ALA A 18 0.54 0.64 -6.53
N GLY A 19 0.06 0.79 -5.34
CA GLY A 19 -1.09 1.63 -5.07
C GLY A 19 -2.40 0.89 -5.29
N SER A 20 -2.63 -0.17 -4.52
CA SER A 20 -3.85 -0.96 -4.64
C SER A 20 -4.68 -0.87 -3.36
N LEU A 21 -4.01 -0.69 -2.23
CA LEU A 21 -4.69 -0.60 -0.94
C LEU A 21 -4.17 0.57 -0.13
N GLN A 22 -2.93 0.46 0.37
CA GLN A 22 -2.27 1.53 1.16
C GLN A 22 -2.05 1.17 2.64
N PRO A 23 -2.85 0.26 3.25
CA PRO A 23 -2.67 -0.10 4.66
C PRO A 23 -1.49 -1.02 4.83
N LEU A 24 -1.35 -1.80 3.84
CA LEU A 24 -0.29 -2.78 3.71
C LEU A 24 0.85 -2.21 2.89
N ALA A 25 1.04 -0.90 3.00
CA ALA A 25 2.07 -0.19 2.26
C ALA A 25 3.35 -0.06 3.07
N LEU A 26 3.50 -0.89 4.10
CA LEU A 26 4.69 -0.83 4.96
C LEU A 26 4.97 0.62 5.34
N GLU A 27 3.90 1.39 5.44
CA GLU A 27 3.99 2.81 5.77
C GLU A 27 2.62 3.34 6.16
N GLY A 28 2.26 4.49 5.61
CA GLY A 28 0.98 5.09 5.93
C GLY A 28 0.96 5.63 7.35
N SER A 29 2.12 6.06 7.82
CA SER A 29 2.26 6.59 9.17
C SER A 29 2.29 5.45 10.19
N LEU A 30 2.47 4.23 9.70
CA LEU A 30 2.49 3.03 10.52
C LEU A 30 1.07 2.59 10.71
N GLN A 31 0.40 2.67 9.58
CA GLN A 31 -0.99 2.33 9.46
C GLN A 31 -1.84 3.06 10.49
N GLU A 1 2.44 15.49 -10.32
CA GLU A 1 2.44 14.04 -10.00
C GLU A 1 1.09 13.40 -10.27
N ALA A 2 1.02 12.08 -10.14
CA ALA A 2 -0.23 11.34 -10.38
C ALA A 2 -0.38 10.92 -11.82
N GLU A 3 0.56 11.35 -12.61
CA GLU A 3 0.59 11.05 -14.02
C GLU A 3 1.13 9.68 -14.28
N ASP A 4 1.67 9.16 -13.24
CA ASP A 4 2.23 7.83 -13.22
C ASP A 4 1.22 6.98 -12.53
N LEU A 5 0.17 7.67 -12.18
CA LEU A 5 -0.93 7.07 -11.51
C LEU A 5 -1.90 6.48 -12.52
N GLN A 6 -1.84 7.03 -13.73
CA GLN A 6 -2.70 6.59 -14.81
C GLN A 6 -2.00 6.65 -16.15
N VAL A 7 -1.20 7.69 -16.36
CA VAL A 7 -0.49 7.88 -17.62
C VAL A 7 -1.46 7.91 -18.80
N GLY A 8 -2.39 6.94 -18.91
CA GLY A 8 -3.34 6.98 -19.99
C GLY A 8 -2.97 6.12 -21.18
N GLN A 9 -2.16 5.09 -20.95
CA GLN A 9 -1.80 4.18 -22.03
C GLN A 9 -3.05 3.42 -22.42
N VAL A 10 -3.88 3.19 -21.42
CA VAL A 10 -5.15 2.51 -21.56
C VAL A 10 -5.99 2.78 -20.31
N GLU A 11 -5.36 2.60 -19.16
CA GLU A 11 -5.98 2.79 -17.88
C GLU A 11 -4.98 2.43 -16.80
N LEU A 12 -4.20 1.37 -17.10
CA LEU A 12 -3.19 0.83 -16.22
C LEU A 12 -3.48 1.09 -14.76
N GLY A 13 -3.37 2.35 -14.40
CA GLY A 13 -3.61 2.77 -13.04
C GLY A 13 -2.44 2.47 -12.12
N GLY A 14 -2.03 1.20 -12.07
CA GLY A 14 -0.91 0.82 -11.22
C GLY A 14 -1.12 1.24 -9.78
N GLY A 15 -2.38 1.35 -9.36
CA GLY A 15 -2.67 1.74 -7.99
C GLY A 15 -3.95 1.12 -7.47
N PRO A 16 -5.13 1.65 -7.86
CA PRO A 16 -6.41 1.12 -7.40
C PRO A 16 -6.73 -0.22 -8.01
N GLY A 17 -6.84 -0.17 -9.30
CA GLY A 17 -7.12 -1.35 -10.08
C GLY A 17 -5.83 -2.05 -10.49
N ALA A 18 -4.87 -2.04 -9.57
CA ALA A 18 -3.59 -2.61 -9.78
C ALA A 18 -3.38 -3.83 -8.90
N GLY A 19 -2.56 -3.64 -7.92
CA GLY A 19 -2.24 -4.68 -6.97
C GLY A 19 -1.19 -4.25 -5.97
N SER A 20 -1.28 -3.01 -5.51
CA SER A 20 -0.33 -2.46 -4.55
C SER A 20 -1.03 -2.15 -3.22
N LEU A 21 -1.17 -3.17 -2.38
CA LEU A 21 -1.80 -3.01 -1.08
C LEU A 21 -1.07 -1.97 -0.24
N GLN A 22 -1.85 -1.10 0.38
CA GLN A 22 -1.30 -0.03 1.21
C GLN A 22 -1.25 -0.37 2.71
N PRO A 23 -1.97 -1.40 3.20
CA PRO A 23 -1.93 -1.74 4.63
C PRO A 23 -0.61 -2.34 5.00
N LEU A 24 -0.14 -3.05 4.04
CA LEU A 24 1.12 -3.74 4.10
C LEU A 24 2.17 -2.95 3.32
N ALA A 25 2.05 -1.63 3.36
CA ALA A 25 2.95 -0.75 2.65
C ALA A 25 4.16 -0.39 3.50
N LEU A 26 4.38 -1.10 4.60
CA LEU A 26 5.51 -0.81 5.49
C LEU A 26 5.59 0.68 5.73
N GLU A 27 4.43 1.32 5.76
CA GLU A 27 4.32 2.75 5.96
C GLU A 27 2.88 3.14 6.31
N GLY A 28 2.39 4.18 5.68
CA GLY A 28 1.04 4.64 5.95
C GLY A 28 0.94 5.27 7.32
N SER A 29 2.03 5.90 7.76
CA SER A 29 2.10 6.55 9.06
C SER A 29 2.30 5.52 10.17
N LEU A 30 2.66 4.30 9.77
CA LEU A 30 2.85 3.18 10.70
C LEU A 30 1.50 2.57 10.93
N GLN A 31 0.82 2.45 9.82
CA GLN A 31 -0.51 1.91 9.74
C GLN A 31 -1.44 2.56 10.77
N GLU A 1 -2.26 -18.12 -0.56
CA GLU A 1 -2.14 -18.37 -2.03
C GLU A 1 -2.95 -17.36 -2.83
N ALA A 2 -2.79 -16.07 -2.49
CA ALA A 2 -3.52 -14.98 -3.17
C ALA A 2 -4.90 -14.77 -2.59
N GLU A 3 -5.24 -15.63 -1.68
CA GLU A 3 -6.52 -15.57 -0.99
C GLU A 3 -6.49 -14.62 0.16
N ASP A 4 -5.33 -14.10 0.35
CA ASP A 4 -5.06 -13.13 1.37
C ASP A 4 -5.15 -11.80 0.72
N LEU A 5 -5.49 -11.93 -0.53
CA LEU A 5 -5.64 -10.79 -1.38
C LEU A 5 -6.99 -10.15 -1.19
N GLN A 6 -7.97 -11.02 -0.99
CA GLN A 6 -9.33 -10.62 -0.78
C GLN A 6 -10.13 -11.80 -0.30
N VAL A 7 -9.94 -12.10 0.95
CA VAL A 7 -10.58 -13.21 1.59
C VAL A 7 -12.10 -13.11 1.49
N GLY A 8 -12.60 -11.90 1.27
CA GLY A 8 -14.03 -11.71 1.13
C GLY A 8 -14.74 -11.57 2.46
N GLN A 9 -14.14 -10.86 3.39
CA GLN A 9 -14.71 -10.65 4.71
C GLN A 9 -13.85 -9.69 5.51
N VAL A 10 -13.39 -8.63 4.84
CA VAL A 10 -12.54 -7.64 5.49
C VAL A 10 -12.53 -6.32 4.72
N GLU A 11 -12.55 -6.40 3.39
CA GLU A 11 -12.52 -5.24 2.55
C GLU A 11 -13.03 -5.61 1.18
N LEU A 12 -12.63 -6.82 0.74
CA LEU A 12 -13.03 -7.36 -0.53
C LEU A 12 -13.17 -6.28 -1.60
N GLY A 13 -14.25 -5.51 -1.47
CA GLY A 13 -14.53 -4.43 -2.40
C GLY A 13 -14.11 -4.74 -3.83
N GLY A 14 -14.25 -6.01 -4.22
CA GLY A 14 -13.86 -6.41 -5.56
C GLY A 14 -12.39 -6.75 -5.66
N GLY A 15 -11.54 -5.81 -5.24
CA GLY A 15 -10.11 -6.04 -5.28
C GLY A 15 -9.36 -4.91 -5.95
N PRO A 16 -9.75 -4.53 -7.18
CA PRO A 16 -9.09 -3.46 -7.93
C PRO A 16 -9.57 -2.09 -7.55
N GLY A 17 -10.84 -1.93 -7.70
CA GLY A 17 -11.51 -0.69 -7.39
C GLY A 17 -12.12 -0.70 -6.01
N ALA A 18 -11.54 -1.55 -5.15
CA ALA A 18 -11.99 -1.71 -3.80
C ALA A 18 -11.74 -0.48 -2.95
N GLY A 19 -10.94 0.37 -3.50
CA GLY A 19 -10.58 1.62 -2.86
C GLY A 19 -10.25 1.46 -1.39
N SER A 20 -9.43 0.47 -1.08
CA SER A 20 -9.04 0.21 0.31
C SER A 20 -7.51 0.24 0.46
N LEU A 21 -6.88 -0.92 0.27
CA LEU A 21 -5.43 -1.04 0.38
C LEU A 21 -4.91 -0.34 1.63
N GLN A 22 -3.59 -0.16 1.69
CA GLN A 22 -2.91 0.47 2.83
C GLN A 22 -2.07 -0.52 3.65
N PRO A 23 -2.36 -1.86 3.62
CA PRO A 23 -1.58 -2.81 4.39
C PRO A 23 -0.27 -3.15 3.74
N LEU A 24 -0.38 -3.12 2.47
CA LEU A 24 0.73 -3.39 1.57
C LEU A 24 1.41 -2.09 1.16
N ALA A 25 1.52 -1.17 2.12
CA ALA A 25 2.14 0.12 1.87
C ALA A 25 3.44 0.28 2.64
N LEU A 26 3.66 -0.59 3.64
CA LEU A 26 4.87 -0.50 4.45
C LEU A 26 5.08 0.92 4.93
N GLU A 27 3.96 1.63 5.10
CA GLU A 27 3.97 3.01 5.52
C GLU A 27 2.58 3.44 5.97
N GLY A 28 2.16 4.62 5.54
CA GLY A 28 0.85 5.13 5.92
C GLY A 28 0.86 5.63 7.36
N SER A 29 2.01 6.11 7.79
CA SER A 29 2.19 6.60 9.16
C SER A 29 2.25 5.45 10.15
N LEU A 30 2.41 4.24 9.63
CA LEU A 30 2.46 3.02 10.43
C LEU A 30 1.05 2.59 10.66
N GLN A 31 0.32 2.70 9.57
CA GLN A 31 -1.08 2.37 9.50
C GLN A 31 -1.87 3.08 10.61
N GLU A 1 -5.75 -27.47 4.11
CA GLU A 1 -5.60 -27.64 5.58
C GLU A 1 -6.34 -26.55 6.34
N ALA A 2 -6.11 -25.29 5.94
CA ALA A 2 -6.75 -24.14 6.59
C ALA A 2 -6.03 -23.70 7.84
N GLU A 3 -5.01 -24.44 8.15
CA GLU A 3 -4.19 -24.19 9.32
C GLU A 3 -3.25 -23.04 9.11
N ASP A 4 -3.17 -22.67 7.89
CA ASP A 4 -2.34 -21.56 7.48
C ASP A 4 -3.27 -20.48 7.07
N LEU A 5 -4.51 -20.85 7.21
CA LEU A 5 -5.60 -19.98 6.88
C LEU A 5 -6.00 -19.18 8.10
N GLN A 6 -5.72 -19.75 9.26
CA GLN A 6 -6.01 -19.12 10.53
C GLN A 6 -4.89 -19.31 11.52
N VAL A 7 -4.28 -20.50 11.52
CA VAL A 7 -3.19 -20.83 12.44
C VAL A 7 -3.63 -20.69 13.89
N GLY A 8 -4.32 -19.61 14.22
CA GLY A 8 -4.81 -19.43 15.58
C GLY A 8 -3.80 -18.80 16.51
N GLN A 9 -3.60 -17.50 16.37
CA GLN A 9 -2.66 -16.76 17.21
C GLN A 9 -1.22 -17.08 16.82
N VAL A 10 -0.92 -16.89 15.55
CA VAL A 10 0.42 -17.16 15.04
C VAL A 10 0.69 -16.41 13.72
N GLU A 11 -0.35 -16.01 13.00
CA GLU A 11 -0.19 -15.31 11.76
C GLU A 11 -1.45 -14.52 11.47
N LEU A 12 -2.59 -15.17 11.72
CA LEU A 12 -3.89 -14.58 11.52
C LEU A 12 -3.92 -13.55 10.40
N GLY A 13 -3.28 -12.43 10.67
CA GLY A 13 -3.21 -11.35 9.72
C GLY A 13 -4.44 -10.46 9.78
N GLY A 14 -5.62 -11.07 9.56
CA GLY A 14 -6.87 -10.33 9.59
C GLY A 14 -6.76 -8.92 9.02
N GLY A 15 -6.20 -8.80 7.83
CA GLY A 15 -6.06 -7.50 7.20
C GLY A 15 -5.17 -7.52 5.98
N PRO A 16 -3.88 -7.85 6.13
CA PRO A 16 -2.93 -7.89 5.01
C PRO A 16 -3.21 -9.03 4.06
N GLY A 17 -3.12 -10.19 4.63
CA GLY A 17 -3.37 -11.42 3.90
C GLY A 17 -4.83 -11.80 3.98
N ALA A 18 -5.69 -10.78 3.94
CA ALA A 18 -7.09 -10.96 4.02
C ALA A 18 -7.77 -10.65 2.71
N GLY A 19 -8.46 -9.55 2.70
CA GLY A 19 -9.17 -9.10 1.52
C GLY A 19 -8.99 -7.62 1.26
N SER A 20 -7.76 -7.14 1.33
CA SER A 20 -7.46 -5.74 1.09
C SER A 20 -5.96 -5.46 1.24
N LEU A 21 -5.51 -4.35 0.66
CA LEU A 21 -4.10 -3.98 0.74
C LEU A 21 -3.92 -2.67 1.45
N GLN A 22 -2.65 -2.24 1.58
CA GLN A 22 -2.28 -1.00 2.26
C GLN A 22 -1.53 -1.26 3.58
N PRO A 23 -1.68 -2.45 4.24
CA PRO A 23 -0.99 -2.73 5.49
C PRO A 23 0.43 -3.15 5.29
N LEU A 24 0.57 -3.76 4.16
CA LEU A 24 1.83 -4.29 3.69
C LEU A 24 2.54 -3.24 2.84
N ALA A 25 2.59 -2.03 3.37
CA ALA A 25 3.21 -0.92 2.68
C ALA A 25 4.44 -0.39 3.42
N LEU A 26 4.82 -1.08 4.50
CA LEU A 26 5.98 -0.66 5.30
C LEU A 26 5.90 0.84 5.55
N GLU A 27 4.68 1.34 5.66
CA GLU A 27 4.43 2.75 5.88
C GLU A 27 2.98 2.98 6.28
N GLY A 28 2.36 3.99 5.70
CA GLY A 28 0.98 4.30 6.02
C GLY A 28 0.87 4.98 7.36
N SER A 29 1.93 5.72 7.72
CA SER A 29 1.98 6.41 9.00
C SER A 29 2.19 5.43 10.14
N LEU A 30 2.54 4.20 9.79
CA LEU A 30 2.74 3.12 10.75
C LEU A 30 1.40 2.54 11.07
N GLN A 31 0.66 2.43 9.98
CA GLN A 31 -0.68 1.92 9.97
C GLN A 31 -1.55 2.62 11.01
N GLU A 1 -8.15 -10.30 -23.97
CA GLU A 1 -6.83 -9.84 -23.45
C GLU A 1 -6.61 -8.36 -23.75
N ALA A 2 -5.51 -7.82 -23.22
CA ALA A 2 -5.17 -6.40 -23.41
C ALA A 2 -5.78 -5.52 -22.33
N GLU A 3 -6.56 -6.16 -21.52
CA GLU A 3 -7.24 -5.49 -20.41
C GLU A 3 -6.31 -5.27 -19.26
N ASP A 4 -5.20 -5.92 -19.37
CA ASP A 4 -4.13 -5.82 -18.42
C ASP A 4 -3.11 -4.94 -19.02
N LEU A 5 -3.48 -4.53 -20.21
CA LEU A 5 -2.65 -3.67 -20.99
C LEU A 5 -2.91 -2.22 -20.61
N GLN A 6 -4.13 -1.98 -20.15
CA GLN A 6 -4.54 -0.65 -19.75
C GLN A 6 -5.40 -0.68 -18.51
N VAL A 7 -6.25 -1.69 -18.39
CA VAL A 7 -7.15 -1.83 -17.25
C VAL A 7 -8.06 -0.61 -17.10
N GLY A 8 -7.49 0.60 -17.18
CA GLY A 8 -8.28 1.79 -17.08
C GLY A 8 -7.42 3.02 -17.01
N GLN A 9 -6.22 2.88 -16.43
CA GLN A 9 -5.30 4.01 -16.28
C GLN A 9 -5.90 5.03 -15.32
N VAL A 10 -7.05 5.54 -15.70
CA VAL A 10 -7.81 6.50 -14.91
C VAL A 10 -8.63 5.77 -13.85
N GLU A 11 -8.69 4.45 -13.95
CA GLU A 11 -9.46 3.66 -13.02
C GLU A 11 -8.70 2.40 -12.73
N LEU A 12 -8.08 1.87 -13.78
CA LEU A 12 -7.26 0.70 -13.69
C LEU A 12 -7.83 -0.35 -12.74
N GLY A 13 -7.70 -0.07 -11.45
CA GLY A 13 -8.18 -0.98 -10.44
C GLY A 13 -7.56 -2.36 -10.57
N GLY A 14 -6.23 -2.41 -10.54
CA GLY A 14 -5.52 -3.67 -10.66
C GLY A 14 -6.08 -4.76 -9.76
N GLY A 15 -5.49 -5.94 -9.85
CA GLY A 15 -5.95 -7.05 -9.04
C GLY A 15 -4.92 -7.53 -8.02
N PRO A 16 -3.80 -8.13 -8.47
CA PRO A 16 -2.75 -8.63 -7.58
C PRO A 16 -2.02 -7.53 -6.87
N GLY A 17 -1.53 -6.65 -7.67
CA GLY A 17 -0.80 -5.50 -7.18
C GLY A 17 -1.72 -4.48 -6.55
N ALA A 18 -3.01 -4.70 -6.73
CA ALA A 18 -4.05 -3.84 -6.20
C ALA A 18 -4.22 -4.00 -4.72
N GLY A 19 -3.58 -5.01 -4.23
CA GLY A 19 -3.62 -5.34 -2.82
C GLY A 19 -2.26 -5.35 -2.18
N SER A 20 -1.49 -4.28 -2.38
CA SER A 20 -0.16 -4.19 -1.81
C SER A 20 0.44 -2.80 -2.05
N LEU A 21 0.98 -2.21 -0.98
CA LEU A 21 1.60 -0.88 -1.06
C LEU A 21 0.55 0.21 -1.25
N GLN A 22 -0.64 -0.02 -0.72
CA GLN A 22 -1.73 0.94 -0.83
C GLN A 22 -2.81 0.70 0.22
N PRO A 23 -3.58 -0.40 0.14
CA PRO A 23 -4.60 -0.70 1.13
C PRO A 23 -3.98 -0.85 2.48
N LEU A 24 -2.90 -1.55 2.41
CA LEU A 24 -2.06 -1.87 3.54
C LEU A 24 -0.82 -0.97 3.54
N ALA A 25 0.15 -1.32 2.72
CA ALA A 25 1.39 -0.56 2.61
C ALA A 25 2.13 -0.51 3.95
N LEU A 26 3.39 -0.94 3.95
CA LEU A 26 4.20 -0.92 5.15
C LEU A 26 4.60 0.52 5.46
N GLU A 27 3.60 1.37 5.63
CA GLU A 27 3.81 2.78 5.89
C GLU A 27 2.50 3.44 6.31
N GLY A 28 2.13 4.50 5.61
CA GLY A 28 0.91 5.21 5.93
C GLY A 28 0.94 5.75 7.35
N SER A 29 2.13 6.16 7.79
CA SER A 29 2.32 6.68 9.13
C SER A 29 2.30 5.54 10.15
N LEU A 30 2.47 4.32 9.66
CA LEU A 30 2.44 3.10 10.47
C LEU A 30 1.00 2.68 10.60
N GLN A 31 0.37 2.76 9.44
CA GLN A 31 -1.01 2.43 9.27
C GLN A 31 -1.89 3.14 10.29
N GLU A 1 -12.37 8.08 12.27
CA GLU A 1 -13.16 6.84 12.00
C GLU A 1 -12.25 5.71 11.51
N ALA A 2 -12.81 4.53 11.40
CA ALA A 2 -12.06 3.36 10.93
C ALA A 2 -12.40 3.00 9.51
N GLU A 3 -13.35 3.70 8.99
CA GLU A 3 -13.82 3.51 7.64
C GLU A 3 -12.90 4.16 6.64
N ASP A 4 -12.04 4.95 7.19
CA ASP A 4 -11.04 5.64 6.43
C ASP A 4 -9.77 4.90 6.66
N LEU A 5 -9.95 3.93 7.51
CA LEU A 5 -8.89 3.07 7.93
C LEU A 5 -8.81 1.81 7.08
N GLN A 6 -9.88 1.55 6.32
CA GLN A 6 -9.93 0.37 5.47
C GLN A 6 -9.88 0.74 4.01
N VAL A 7 -9.28 1.88 3.80
CA VAL A 7 -9.11 2.43 2.49
C VAL A 7 -8.01 1.66 1.74
N GLY A 8 -8.12 0.34 1.72
CA GLY A 8 -7.13 -0.48 1.05
C GLY A 8 -7.34 -0.50 -0.45
N GLN A 9 -8.58 -0.26 -0.86
CA GLN A 9 -8.94 -0.24 -2.28
C GLN A 9 -10.39 0.22 -2.41
N VAL A 10 -11.21 -0.13 -1.41
CA VAL A 10 -12.62 0.25 -1.39
C VAL A 10 -13.16 0.18 0.03
N GLU A 11 -12.92 -0.94 0.72
CA GLU A 11 -13.39 -1.15 2.06
C GLU A 11 -12.76 -2.42 2.59
N LEU A 12 -12.67 -3.42 1.70
CA LEU A 12 -12.12 -4.72 2.00
C LEU A 12 -12.34 -5.13 3.45
N GLY A 13 -11.62 -4.47 4.34
CA GLY A 13 -11.73 -4.75 5.75
C GLY A 13 -11.56 -6.22 6.07
N GLY A 14 -10.53 -6.84 5.49
CA GLY A 14 -10.29 -8.25 5.72
C GLY A 14 -9.57 -8.50 7.04
N GLY A 15 -8.27 -8.78 6.95
CA GLY A 15 -7.49 -9.05 8.15
C GLY A 15 -6.40 -10.07 7.93
N PRO A 16 -6.74 -11.26 7.40
CA PRO A 16 -5.75 -12.32 7.16
C PRO A 16 -4.82 -11.99 6.03
N GLY A 17 -5.43 -11.83 4.89
CA GLY A 17 -4.71 -11.50 3.68
C GLY A 17 -4.59 -10.01 3.49
N ALA A 18 -4.65 -9.29 4.62
CA ALA A 18 -4.58 -7.85 4.62
C ALA A 18 -3.16 -7.34 4.56
N GLY A 19 -2.28 -8.27 4.56
CA GLY A 19 -0.85 -8.00 4.49
C GLY A 19 -0.31 -8.00 3.08
N SER A 20 -1.12 -7.52 2.14
CA SER A 20 -0.71 -7.45 0.75
C SER A 20 -1.74 -6.68 -0.09
N LEU A 21 -2.19 -5.56 0.45
CA LEU A 21 -3.18 -4.73 -0.23
C LEU A 21 -2.75 -3.28 -0.30
N GLN A 22 -1.58 -2.95 0.27
CA GLN A 22 -1.03 -1.58 0.27
C GLN A 22 -1.50 -0.69 1.43
N PRO A 23 -2.47 -1.10 2.29
CA PRO A 23 -2.90 -0.26 3.40
C PRO A 23 -1.78 -0.05 4.36
N LEU A 24 -0.94 -1.01 4.28
CA LEU A 24 0.27 -1.09 5.07
C LEU A 24 1.40 -0.42 4.32
N ALA A 25 1.69 -0.93 3.13
CA ALA A 25 2.74 -0.36 2.30
C ALA A 25 4.02 -0.10 3.09
N LEU A 26 4.27 -0.91 4.11
CA LEU A 26 5.45 -0.74 4.95
C LEU A 26 5.57 0.73 5.35
N GLU A 27 4.42 1.37 5.48
CA GLU A 27 4.34 2.77 5.83
C GLU A 27 2.91 3.15 6.22
N GLY A 28 2.40 4.21 5.63
CA GLY A 28 1.07 4.66 5.94
C GLY A 28 1.00 5.31 7.30
N SER A 29 2.12 5.90 7.72
CA SER A 29 2.22 6.55 9.02
C SER A 29 2.38 5.53 10.13
N LEU A 30 2.67 4.28 9.73
CA LEU A 30 2.82 3.17 10.66
C LEU A 30 1.45 2.62 10.94
N GLN A 31 0.74 2.52 9.84
CA GLN A 31 -0.62 2.04 9.81
C GLN A 31 -1.49 2.82 10.79
N GLU A 1 -8.68 -17.08 -13.76
CA GLU A 1 -7.61 -16.05 -13.85
C GLU A 1 -7.98 -14.79 -13.07
N ALA A 2 -8.02 -14.90 -11.75
CA ALA A 2 -8.36 -13.77 -10.90
C ALA A 2 -8.38 -14.11 -9.42
N GLU A 3 -8.28 -15.38 -9.16
CA GLU A 3 -8.26 -15.88 -7.79
C GLU A 3 -6.91 -15.72 -7.17
N ASP A 4 -6.00 -15.40 -8.02
CA ASP A 4 -4.63 -15.15 -7.64
C ASP A 4 -4.48 -13.67 -7.64
N LEU A 5 -5.59 -13.07 -7.94
CA LEU A 5 -5.69 -11.65 -8.00
C LEU A 5 -5.99 -11.10 -6.62
N GLN A 6 -6.62 -11.93 -5.80
CA GLN A 6 -6.98 -11.56 -4.46
C GLN A 6 -6.80 -12.71 -3.50
N VAL A 7 -7.19 -13.91 -3.93
CA VAL A 7 -7.10 -15.12 -3.11
C VAL A 7 -7.92 -14.97 -1.82
N GLY A 8 -7.83 -13.83 -1.15
CA GLY A 8 -8.59 -13.63 0.07
C GLY A 8 -7.77 -13.94 1.30
N GLN A 9 -6.48 -13.68 1.19
CA GLN A 9 -5.53 -13.92 2.25
C GLN A 9 -4.13 -13.63 1.76
N VAL A 10 -3.25 -13.21 2.65
CA VAL A 10 -1.85 -12.88 2.31
C VAL A 10 -1.78 -11.71 1.34
N GLU A 11 -2.90 -11.40 0.69
CA GLU A 11 -2.94 -10.32 -0.26
C GLU A 11 -4.35 -9.80 -0.31
N LEU A 12 -5.31 -10.72 -0.29
CA LEU A 12 -6.71 -10.40 -0.31
C LEU A 12 -7.01 -9.13 -1.09
N GLY A 13 -6.63 -8.01 -0.50
CA GLY A 13 -6.85 -6.73 -1.12
C GLY A 13 -8.24 -6.19 -0.89
N GLY A 14 -9.25 -6.99 -1.23
CA GLY A 14 -10.63 -6.57 -1.05
C GLY A 14 -11.33 -6.29 -2.36
N GLY A 15 -10.56 -5.89 -3.36
CA GLY A 15 -11.13 -5.59 -4.66
C GLY A 15 -10.78 -4.20 -5.14
N PRO A 16 -11.01 -3.16 -4.32
CA PRO A 16 -10.71 -1.78 -4.68
C PRO A 16 -9.24 -1.53 -4.83
N GLY A 17 -8.57 -1.89 -3.80
CA GLY A 17 -7.12 -1.77 -3.73
C GLY A 17 -6.43 -3.04 -4.19
N ALA A 18 -7.16 -3.84 -4.94
CA ALA A 18 -6.68 -5.10 -5.44
C ALA A 18 -5.71 -4.94 -6.59
N GLY A 19 -5.61 -3.73 -7.01
CA GLY A 19 -4.72 -3.35 -8.10
C GLY A 19 -3.43 -2.73 -7.61
N SER A 20 -3.46 -1.43 -7.36
CA SER A 20 -2.28 -0.71 -6.88
C SER A 20 -1.79 -1.29 -5.56
N LEU A 21 -0.59 -0.88 -5.15
CA LEU A 21 -0.02 -1.36 -3.90
C LEU A 21 -0.30 -0.40 -2.76
N GLN A 22 0.43 -0.58 -1.65
CA GLN A 22 0.27 0.25 -0.44
C GLN A 22 -0.51 -0.45 0.69
N PRO A 23 -1.31 -1.52 0.42
CA PRO A 23 -2.05 -2.20 1.49
C PRO A 23 -1.13 -3.02 2.34
N LEU A 24 -0.12 -3.40 1.66
CA LEU A 24 0.96 -4.20 2.22
C LEU A 24 2.02 -3.30 2.83
N ALA A 25 2.01 -2.03 2.41
CA ALA A 25 2.97 -1.05 2.90
C ALA A 25 2.89 -0.90 4.42
N LEU A 26 4.03 -1.08 5.10
CA LEU A 26 4.06 -0.93 6.54
C LEU A 26 4.13 0.55 6.91
N GLU A 27 4.07 1.37 5.88
CA GLU A 27 4.10 2.81 6.01
C GLU A 27 2.73 3.34 6.45
N GLY A 28 2.22 4.29 5.70
CA GLY A 28 0.93 4.88 6.03
C GLY A 28 0.95 5.48 7.42
N SER A 29 2.08 6.06 7.79
CA SER A 29 2.24 6.65 9.11
C SER A 29 2.29 5.57 10.18
N LEU A 30 2.52 4.33 9.74
CA LEU A 30 2.56 3.17 10.61
C LEU A 30 1.14 2.68 10.76
N GLN A 31 0.51 2.69 9.60
CA GLN A 31 -0.87 2.29 9.45
C GLN A 31 -1.77 2.98 10.47
N GLU A 1 -17.20 -3.05 5.92
CA GLU A 1 -16.72 -2.14 6.99
C GLU A 1 -16.87 -0.67 6.57
N ALA A 2 -16.61 0.23 7.50
CA ALA A 2 -16.72 1.67 7.23
C ALA A 2 -15.36 2.34 7.23
N GLU A 3 -14.38 1.57 7.56
CA GLU A 3 -13.01 2.05 7.60
C GLU A 3 -12.40 2.08 6.23
N ASP A 4 -13.12 1.51 5.35
CA ASP A 4 -12.75 1.46 3.96
C ASP A 4 -13.64 2.43 3.28
N LEU A 5 -14.38 3.08 4.13
CA LEU A 5 -15.34 4.06 3.71
C LEU A 5 -14.67 5.41 3.58
N GLN A 6 -13.75 5.68 4.49
CA GLN A 6 -13.04 6.95 4.48
C GLN A 6 -11.87 6.97 5.44
N VAL A 7 -12.19 6.89 6.73
CA VAL A 7 -11.21 6.93 7.79
C VAL A 7 -10.33 8.18 7.72
N GLY A 8 -10.68 9.12 6.84
CA GLY A 8 -9.88 10.33 6.75
C GLY A 8 -10.69 11.59 6.98
N GLN A 9 -11.84 11.67 6.31
CA GLN A 9 -12.72 12.84 6.43
C GLN A 9 -13.79 12.84 5.34
N VAL A 10 -13.62 11.97 4.34
CA VAL A 10 -14.58 11.89 3.24
C VAL A 10 -14.58 10.51 2.59
N GLU A 11 -13.41 10.02 2.18
CA GLU A 11 -13.33 8.72 1.55
C GLU A 11 -11.86 8.37 1.32
N LEU A 12 -11.12 9.40 0.91
CA LEU A 12 -9.69 9.34 0.63
C LEU A 12 -9.11 7.95 0.71
N GLY A 13 -9.33 7.35 1.84
CA GLY A 13 -8.85 6.02 2.11
C GLY A 13 -7.41 6.01 2.60
N GLY A 14 -6.61 6.96 2.13
CA GLY A 14 -5.22 7.03 2.54
C GLY A 14 -4.53 8.27 2.00
N GLY A 15 -5.20 9.42 2.13
CA GLY A 15 -4.66 10.67 1.66
C GLY A 15 -3.17 10.85 1.93
N PRO A 16 -2.71 10.64 3.18
CA PRO A 16 -1.30 10.80 3.53
C PRO A 16 -0.41 9.90 2.71
N GLY A 17 -0.81 8.68 2.73
CA GLY A 17 -0.14 7.64 1.99
C GLY A 17 -0.76 7.44 0.62
N ALA A 18 -1.37 8.49 0.12
CA ALA A 18 -2.05 8.47 -1.16
C ALA A 18 -1.11 8.74 -2.32
N GLY A 19 0.10 8.97 -1.94
CA GLY A 19 1.17 9.25 -2.89
C GLY A 19 1.56 8.03 -3.70
N SER A 20 1.65 6.89 -3.04
CA SER A 20 2.02 5.64 -3.71
C SER A 20 2.30 4.53 -2.69
N LEU A 21 2.75 4.92 -1.51
CA LEU A 21 3.06 3.97 -0.45
C LEU A 21 1.81 3.65 0.38
N GLN A 22 0.99 2.71 -0.10
CA GLN A 22 -0.24 2.36 0.60
C GLN A 22 -0.39 0.83 0.75
N PRO A 23 -0.76 0.10 -0.32
CA PRO A 23 -0.91 -1.35 -0.24
C PRO A 23 0.40 -2.04 -0.36
N LEU A 24 1.24 -1.36 -1.04
CA LEU A 24 2.59 -1.78 -1.31
C LEU A 24 3.55 -1.00 -0.43
N ALA A 25 3.10 -0.68 0.77
CA ALA A 25 3.90 0.09 1.70
C ALA A 25 3.51 -0.18 3.15
N LEU A 26 4.51 -0.38 4.00
CA LEU A 26 4.25 -0.61 5.42
C LEU A 26 4.17 0.72 6.16
N GLU A 27 4.05 1.78 5.39
CA GLU A 27 3.95 3.13 5.91
C GLU A 27 2.57 3.40 6.45
N GLY A 28 1.91 4.32 5.80
CA GLY A 28 0.57 4.72 6.19
C GLY A 28 0.56 5.31 7.58
N SER A 29 1.67 5.97 7.93
CA SER A 29 1.83 6.59 9.24
C SER A 29 2.15 5.52 10.29
N LEU A 30 2.56 4.34 9.81
CA LEU A 30 2.87 3.20 10.68
C LEU A 30 1.59 2.49 10.94
N GLN A 31 0.86 2.36 9.86
CA GLN A 31 -0.43 1.73 9.83
C GLN A 31 -1.35 2.28 10.91
N GLU A 1 -6.05 -4.60 -7.30
CA GLU A 1 -4.77 -3.88 -7.51
C GLU A 1 -3.78 -4.72 -8.31
N ALA A 2 -4.02 -4.83 -9.61
CA ALA A 2 -3.16 -5.61 -10.49
C ALA A 2 -1.86 -4.89 -10.80
N GLU A 3 -1.80 -3.67 -10.36
CA GLU A 3 -0.63 -2.84 -10.55
C GLU A 3 0.47 -3.18 -9.59
N ASP A 4 0.08 -3.96 -8.64
CA ASP A 4 0.96 -4.47 -7.63
C ASP A 4 1.25 -5.87 -8.00
N LEU A 5 0.65 -6.21 -9.11
CA LEU A 5 0.79 -7.51 -9.67
C LEU A 5 2.02 -7.57 -10.56
N GLN A 6 2.40 -6.41 -11.06
CA GLN A 6 3.56 -6.28 -11.93
C GLN A 6 4.34 -5.02 -11.64
N VAL A 7 3.61 -3.92 -11.40
CA VAL A 7 4.21 -2.61 -11.12
C VAL A 7 5.10 -2.12 -12.26
N GLY A 8 5.59 -3.03 -13.11
CA GLY A 8 6.42 -2.62 -14.23
C GLY A 8 7.11 -3.78 -14.90
N GLN A 9 7.55 -4.74 -14.09
CA GLN A 9 8.23 -5.92 -14.60
C GLN A 9 7.84 -7.15 -13.81
N VAL A 10 6.52 -7.35 -13.69
CA VAL A 10 5.92 -8.47 -12.98
C VAL A 10 6.25 -8.48 -11.50
N GLU A 11 7.29 -7.76 -11.11
CA GLU A 11 7.67 -7.73 -9.72
C GLU A 11 8.72 -6.68 -9.51
N LEU A 12 9.62 -6.53 -10.48
CA LEU A 12 10.64 -5.56 -10.37
C LEU A 12 11.45 -5.71 -9.08
N GLY A 13 11.01 -4.99 -8.07
CA GLY A 13 11.67 -5.03 -6.79
C GLY A 13 11.09 -6.09 -5.87
N GLY A 14 9.77 -6.12 -5.78
CA GLY A 14 9.09 -7.09 -4.93
C GLY A 14 9.65 -7.11 -3.51
N GLY A 15 9.69 -5.96 -2.87
CA GLY A 15 10.21 -5.87 -1.52
C GLY A 15 10.67 -4.48 -1.15
N PRO A 16 11.64 -3.92 -1.90
CA PRO A 16 12.15 -2.58 -1.63
C PRO A 16 11.17 -1.49 -1.97
N GLY A 17 10.77 -1.57 -3.20
CA GLY A 17 9.80 -0.64 -3.76
C GLY A 17 8.39 -1.16 -3.59
N ALA A 18 8.24 -2.18 -2.77
CA ALA A 18 6.97 -2.80 -2.50
C ALA A 18 6.14 -2.02 -1.51
N GLY A 19 6.75 -0.98 -1.05
CA GLY A 19 6.13 -0.08 -0.09
C GLY A 19 4.80 0.46 -0.56
N SER A 20 4.56 0.43 -1.87
CA SER A 20 3.32 0.92 -2.45
C SER A 20 2.20 -0.12 -2.29
N LEU A 21 1.88 -0.47 -1.04
CA LEU A 21 0.83 -1.45 -0.77
C LEU A 21 -0.35 -0.78 -0.07
N GLN A 22 -1.29 -1.59 0.40
CA GLN A 22 -2.49 -1.07 1.06
C GLN A 22 -2.50 -1.27 2.58
N PRO A 23 -2.65 -2.51 3.08
CA PRO A 23 -2.67 -2.76 4.51
C PRO A 23 -1.32 -2.62 5.14
N LEU A 24 -0.39 -2.97 4.34
CA LEU A 24 1.02 -2.91 4.69
C LEU A 24 1.66 -1.64 4.17
N ALA A 25 2.19 -1.69 2.96
CA ALA A 25 2.82 -0.52 2.36
C ALA A 25 4.06 -0.08 3.11
N LEU A 26 4.50 -0.87 4.09
CA LEU A 26 5.67 -0.52 4.89
C LEU A 26 5.65 0.96 5.24
N GLU A 27 4.44 1.48 5.42
CA GLU A 27 4.24 2.88 5.74
C GLU A 27 2.80 3.12 6.19
N GLY A 28 2.18 4.18 5.69
CA GLY A 28 0.83 4.51 6.06
C GLY A 28 0.78 5.13 7.45
N SER A 29 1.86 5.82 7.81
CA SER A 29 1.97 6.46 9.11
C SER A 29 2.26 5.44 10.20
N LEU A 30 2.62 4.23 9.78
CA LEU A 30 2.89 3.11 10.68
C LEU A 30 1.58 2.48 11.02
N GLN A 31 0.82 2.36 9.96
CA GLN A 31 -0.51 1.81 9.97
C GLN A 31 -1.37 2.44 11.06
N GLU A 1 -1.36 5.68 -16.76
CA GLU A 1 -1.14 4.52 -15.85
C GLU A 1 -2.38 3.64 -15.76
N ALA A 2 -2.63 2.86 -16.81
CA ALA A 2 -3.78 1.99 -16.87
C ALA A 2 -3.61 0.76 -16.00
N GLU A 3 -2.43 0.64 -15.47
CA GLU A 3 -2.08 -0.47 -14.62
C GLU A 3 -2.59 -0.30 -13.22
N ASP A 4 -3.06 0.87 -13.00
CA ASP A 4 -3.64 1.24 -11.73
C ASP A 4 -5.10 1.42 -11.99
N LEU A 5 -5.39 1.18 -13.23
CA LEU A 5 -6.73 1.30 -13.74
C LEU A 5 -7.49 -0.02 -13.69
N GLN A 6 -6.76 -1.13 -13.72
CA GLN A 6 -7.39 -2.45 -13.66
C GLN A 6 -7.57 -2.91 -12.22
N VAL A 7 -7.75 -1.95 -11.36
CA VAL A 7 -7.95 -2.18 -9.95
C VAL A 7 -8.69 -1.00 -9.35
N GLY A 8 -9.46 -0.32 -10.20
CA GLY A 8 -10.21 0.83 -9.75
C GLY A 8 -11.69 0.53 -9.58
N GLN A 9 -12.29 -0.03 -10.62
CA GLN A 9 -13.71 -0.38 -10.60
C GLN A 9 -14.11 -1.21 -11.82
N VAL A 10 -13.12 -1.69 -12.57
CA VAL A 10 -13.38 -2.50 -13.76
C VAL A 10 -13.56 -3.97 -13.39
N GLU A 11 -12.74 -4.45 -12.47
CA GLU A 11 -12.79 -5.83 -12.03
C GLU A 11 -12.05 -5.94 -10.72
N LEU A 12 -10.92 -5.22 -10.64
CA LEU A 12 -10.08 -5.18 -9.47
C LEU A 12 -10.09 -6.51 -8.71
N GLY A 13 -11.21 -6.77 -8.06
CA GLY A 13 -11.36 -7.99 -7.30
C GLY A 13 -10.29 -8.16 -6.24
N GLY A 14 -10.15 -7.17 -5.38
CA GLY A 14 -9.15 -7.24 -4.33
C GLY A 14 -8.86 -5.88 -3.70
N GLY A 15 -7.83 -5.82 -2.86
CA GLY A 15 -7.48 -4.59 -2.20
C GLY A 15 -6.09 -4.05 -2.55
N PRO A 16 -5.56 -4.26 -3.78
CA PRO A 16 -4.26 -3.73 -4.15
C PRO A 16 -4.36 -2.28 -4.52
N GLY A 17 -4.82 -2.07 -5.72
CA GLY A 17 -5.07 -0.74 -6.23
C GLY A 17 -6.52 -0.38 -5.96
N ALA A 18 -7.18 -1.24 -5.17
CA ALA A 18 -8.56 -1.10 -4.80
C ALA A 18 -8.85 0.17 -4.04
N GLY A 19 -7.78 0.79 -3.65
CA GLY A 19 -7.86 2.03 -2.90
C GLY A 19 -6.77 2.14 -1.86
N SER A 20 -5.62 2.67 -2.25
CA SER A 20 -4.49 2.83 -1.33
C SER A 20 -3.98 1.49 -0.84
N LEU A 21 -2.74 1.48 -0.34
CA LEU A 21 -2.13 0.26 0.17
C LEU A 21 -1.81 0.40 1.65
N GLN A 22 -1.86 -0.72 2.38
CA GLN A 22 -1.57 -0.71 3.81
C GLN A 22 -0.60 -1.83 4.19
N PRO A 23 -1.01 -3.12 4.12
CA PRO A 23 -0.12 -4.22 4.44
C PRO A 23 1.06 -4.22 3.52
N LEU A 24 0.71 -3.93 2.32
CA LEU A 24 1.63 -3.85 1.21
C LEU A 24 2.06 -2.41 0.97
N ALA A 25 2.10 -1.62 2.03
CA ALA A 25 2.49 -0.22 1.95
C ALA A 25 3.77 0.06 2.72
N LEU A 26 4.06 -0.77 3.73
CA LEU A 26 5.26 -0.58 4.54
C LEU A 26 5.33 0.86 5.00
N GLU A 27 4.16 1.45 5.20
CA GLU A 27 4.05 2.84 5.62
C GLU A 27 2.64 3.14 6.09
N GLY A 28 2.08 4.25 5.64
CA GLY A 28 0.75 4.65 6.05
C GLY A 28 0.75 5.26 7.44
N SER A 29 1.88 5.86 7.79
CA SER A 29 2.06 6.49 9.11
C SER A 29 2.27 5.44 10.18
N LEU A 30 2.53 4.20 9.74
CA LEU A 30 2.73 3.07 10.64
C LEU A 30 1.38 2.53 10.99
N GLN A 31 0.58 2.49 9.95
CA GLN A 31 -0.78 2.04 10.00
C GLN A 31 -1.56 2.74 11.11
N GLU A 1 14.90 -23.66 13.50
CA GLU A 1 13.52 -24.19 13.29
C GLU A 1 12.78 -23.39 12.23
N ALA A 2 11.60 -23.85 11.86
CA ALA A 2 10.79 -23.18 10.85
C ALA A 2 9.66 -22.38 11.46
N GLU A 3 9.56 -22.52 12.74
CA GLU A 3 8.53 -21.82 13.51
C GLU A 3 8.94 -20.40 13.78
N ASP A 4 10.16 -20.16 13.50
CA ASP A 4 10.77 -18.86 13.62
C ASP A 4 10.82 -18.30 12.25
N LEU A 5 10.30 -19.12 11.38
CA LEU A 5 10.23 -18.81 9.98
C LEU A 5 8.99 -18.02 9.68
N GLN A 6 7.98 -18.21 10.52
CA GLN A 6 6.71 -17.53 10.39
C GLN A 6 5.82 -17.93 11.56
N VAL A 7 6.09 -17.31 12.68
CA VAL A 7 5.37 -17.57 13.90
C VAL A 7 3.90 -17.20 13.79
N GLY A 8 3.61 -16.15 13.01
CA GLY A 8 2.23 -15.73 12.83
C GLY A 8 2.02 -14.29 13.29
N GLN A 9 3.07 -13.69 13.85
CA GLN A 9 3.02 -12.33 14.33
C GLN A 9 4.33 -11.62 14.00
N VAL A 10 4.27 -10.28 13.93
CA VAL A 10 5.46 -9.45 13.62
C VAL A 10 6.01 -9.75 12.23
N GLU A 11 5.61 -10.87 11.67
CA GLU A 11 6.05 -11.29 10.37
C GLU A 11 4.99 -12.16 9.74
N LEU A 12 4.40 -13.02 10.58
CA LEU A 12 3.34 -13.91 10.17
C LEU A 12 3.50 -14.37 8.73
N GLY A 13 3.25 -13.45 7.82
CA GLY A 13 3.34 -13.74 6.40
C GLY A 13 2.44 -14.88 5.98
N GLY A 14 1.16 -14.80 6.35
CA GLY A 14 0.23 -15.84 6.00
C GLY A 14 -0.96 -15.32 5.21
N GLY A 15 -1.33 -14.07 5.42
CA GLY A 15 -2.45 -13.49 4.70
C GLY A 15 -2.53 -11.98 4.85
N PRO A 16 -2.79 -11.48 6.07
CA PRO A 16 -2.90 -10.04 6.32
C PRO A 16 -1.61 -9.32 6.07
N GLY A 17 -0.62 -9.82 6.74
CA GLY A 17 0.73 -9.30 6.63
C GLY A 17 1.45 -9.86 5.43
N ALA A 18 0.72 -10.62 4.61
CA ALA A 18 1.26 -11.24 3.43
C ALA A 18 1.51 -10.27 2.31
N GLY A 19 1.04 -9.09 2.55
CA GLY A 19 1.17 -8.00 1.58
C GLY A 19 0.24 -8.16 0.40
N SER A 20 -1.04 -7.88 0.63
CA SER A 20 -2.04 -8.01 -0.43
C SER A 20 -2.18 -6.70 -1.21
N LEU A 21 -2.82 -5.72 -0.61
CA LEU A 21 -3.03 -4.43 -1.26
C LEU A 21 -2.65 -3.27 -0.35
N GLN A 22 -1.35 -3.16 -0.06
CA GLN A 22 -0.79 -2.09 0.79
C GLN A 22 -1.35 -2.04 2.23
N PRO A 23 -2.01 -3.10 2.75
CA PRO A 23 -2.52 -3.11 4.12
C PRO A 23 -1.45 -2.67 5.06
N LEU A 24 -0.31 -3.06 4.63
CA LEU A 24 0.95 -2.78 5.29
C LEU A 24 1.64 -1.60 4.63
N ALA A 25 2.21 -1.84 3.47
CA ALA A 25 2.89 -0.79 2.71
C ALA A 25 4.15 -0.29 3.44
N LEU A 26 4.56 -1.00 4.49
CA LEU A 26 5.74 -0.59 5.26
C LEU A 26 5.71 0.91 5.49
N GLU A 27 4.50 1.45 5.63
CA GLU A 27 4.30 2.86 5.83
C GLU A 27 2.86 3.14 6.28
N GLY A 28 2.24 4.14 5.69
CA GLY A 28 0.89 4.51 6.05
C GLY A 28 0.82 5.12 7.43
N SER A 29 1.88 5.83 7.78
CA SER A 29 1.99 6.48 9.09
C SER A 29 2.26 5.46 10.19
N LEU A 30 2.65 4.26 9.76
CA LEU A 30 2.92 3.14 10.66
C LEU A 30 1.61 2.48 10.96
N GLN A 31 0.87 2.35 9.88
CA GLN A 31 -0.44 1.78 9.87
C GLN A 31 -1.33 2.37 10.96
N GLU A 1 -4.15 -6.51 -19.99
CA GLU A 1 -5.08 -7.04 -18.94
C GLU A 1 -6.09 -5.99 -18.52
N ALA A 2 -5.61 -4.94 -17.87
CA ALA A 2 -6.48 -3.84 -17.38
C ALA A 2 -7.12 -4.16 -16.06
N GLU A 3 -6.86 -5.34 -15.60
CA GLU A 3 -7.39 -5.83 -14.34
C GLU A 3 -6.62 -5.29 -13.18
N ASP A 4 -5.52 -4.72 -13.53
CA ASP A 4 -4.64 -4.09 -12.59
C ASP A 4 -4.85 -2.63 -12.74
N LEU A 5 -5.76 -2.37 -13.65
CA LEU A 5 -6.14 -1.03 -13.98
C LEU A 5 -7.18 -0.53 -13.01
N GLN A 6 -8.03 -1.45 -12.59
CA GLN A 6 -9.10 -1.15 -11.66
C GLN A 6 -9.62 -2.44 -11.08
N VAL A 7 -8.83 -2.96 -10.19
CA VAL A 7 -9.13 -4.21 -9.53
C VAL A 7 -10.46 -4.16 -8.79
N GLY A 8 -10.76 -3.02 -8.16
CA GLY A 8 -12.01 -2.91 -7.44
C GLY A 8 -11.99 -3.71 -6.17
N GLN A 9 -10.81 -3.82 -5.56
CA GLN A 9 -10.68 -4.54 -4.30
C GLN A 9 -11.27 -3.67 -3.19
N VAL A 10 -11.49 -2.41 -3.54
CA VAL A 10 -12.07 -1.45 -2.64
C VAL A 10 -12.69 -0.30 -3.44
N GLU A 11 -11.92 0.31 -4.35
CA GLU A 11 -12.44 1.41 -5.14
C GLU A 11 -11.36 1.95 -6.06
N LEU A 12 -10.14 1.93 -5.54
CA LEU A 12 -8.94 2.40 -6.20
C LEU A 12 -9.15 2.61 -7.67
N GLY A 13 -9.76 1.61 -8.25
CA GLY A 13 -10.07 1.60 -9.66
C GLY A 13 -9.00 2.24 -10.54
N GLY A 14 -7.75 2.24 -10.06
CA GLY A 14 -6.67 2.83 -10.82
C GLY A 14 -5.32 2.25 -10.44
N GLY A 15 -4.67 2.87 -9.45
CA GLY A 15 -3.37 2.40 -9.01
C GLY A 15 -2.42 3.53 -8.70
N PRO A 16 -2.24 4.50 -9.63
CA PRO A 16 -1.35 5.64 -9.41
C PRO A 16 -1.91 6.64 -8.46
N GLY A 17 -3.10 7.02 -8.78
CA GLY A 17 -3.85 7.98 -7.98
C GLY A 17 -4.56 7.31 -6.82
N ALA A 18 -4.26 6.02 -6.62
CA ALA A 18 -4.84 5.23 -5.56
C ALA A 18 -4.27 5.55 -4.21
N GLY A 19 -3.29 6.40 -4.26
CA GLY A 19 -2.59 6.84 -3.07
C GLY A 19 -1.09 6.68 -3.19
N SER A 20 -0.66 5.61 -3.84
CA SER A 20 0.76 5.34 -4.04
C SER A 20 1.51 5.34 -2.71
N LEU A 21 0.81 4.98 -1.63
CA LEU A 21 1.42 4.95 -0.32
C LEU A 21 0.42 4.45 0.73
N GLN A 22 -0.10 3.25 0.51
CA GLN A 22 -1.06 2.65 1.44
C GLN A 22 -1.21 1.15 1.25
N PRO A 23 -1.76 0.69 0.11
CA PRO A 23 -1.94 -0.73 -0.14
C PRO A 23 -0.65 -1.41 -0.47
N LEU A 24 0.11 -0.65 -1.17
CA LEU A 24 1.43 -1.03 -1.64
C LEU A 24 2.52 -0.47 -0.73
N ALA A 25 2.12 0.07 0.43
CA ALA A 25 3.07 0.64 1.37
C ALA A 25 2.68 0.33 2.80
N LEU A 26 3.66 -0.04 3.62
CA LEU A 26 3.41 -0.33 5.02
C LEU A 26 3.53 0.96 5.85
N GLU A 27 3.59 2.07 5.12
CA GLU A 27 3.70 3.39 5.71
C GLU A 27 2.36 3.85 6.25
N GLY A 28 1.91 4.95 5.69
CA GLY A 28 0.65 5.54 6.11
C GLY A 28 0.68 5.95 7.56
N SER A 29 1.87 6.37 8.01
CA SER A 29 2.08 6.79 9.39
C SER A 29 2.18 5.57 10.30
N LEU A 30 2.43 4.40 9.68
CA LEU A 30 2.52 3.14 10.39
C LEU A 30 1.14 2.59 10.52
N GLN A 31 0.47 2.67 9.39
CA GLN A 31 -0.90 2.25 9.23
C GLN A 31 -1.75 2.58 10.45
N GLU A 1 16.20 16.23 -1.81
CA GLU A 1 16.01 14.75 -1.77
C GLU A 1 16.52 14.16 -0.46
N ALA A 2 15.73 14.30 0.59
CA ALA A 2 16.10 13.80 1.90
C ALA A 2 15.17 12.72 2.39
N GLU A 3 14.15 12.49 1.62
CA GLU A 3 13.16 11.48 1.93
C GLU A 3 13.57 10.13 1.46
N ASP A 4 14.68 10.15 0.81
CA ASP A 4 15.32 8.96 0.30
C ASP A 4 16.27 8.54 1.35
N LEU A 5 16.22 9.34 2.38
CA LEU A 5 17.07 9.14 3.51
C LEU A 5 16.53 8.04 4.39
N GLN A 6 15.21 7.85 4.32
CA GLN A 6 14.55 6.82 5.10
C GLN A 6 13.29 6.32 4.41
N VAL A 7 12.54 7.22 3.80
CA VAL A 7 11.28 6.89 3.10
C VAL A 7 10.26 6.23 4.03
N GLY A 8 10.73 5.40 4.97
CA GLY A 8 9.82 4.75 5.89
C GLY A 8 10.46 4.51 7.24
N GLN A 9 11.58 3.79 7.25
CA GLN A 9 12.30 3.48 8.46
C GLN A 9 13.81 3.63 8.25
N VAL A 10 14.25 3.32 7.03
CA VAL A 10 15.66 3.41 6.68
C VAL A 10 15.83 3.52 5.16
N GLU A 11 15.10 2.68 4.43
CA GLU A 11 15.16 2.67 3.00
C GLU A 11 13.98 1.84 2.53
N LEU A 12 13.79 0.70 3.20
CA LEU A 12 12.71 -0.17 2.91
C LEU A 12 12.54 -0.41 1.42
N GLY A 13 11.75 0.45 0.81
CA GLY A 13 11.49 0.36 -0.61
C GLY A 13 12.73 0.59 -1.45
N GLY A 14 13.77 1.13 -0.83
CA GLY A 14 15.00 1.40 -1.55
C GLY A 14 14.79 2.33 -2.73
N GLY A 15 15.45 2.03 -3.84
CA GLY A 15 15.31 2.87 -5.02
C GLY A 15 14.35 2.30 -6.04
N PRO A 16 14.86 1.70 -7.15
CA PRO A 16 14.03 1.15 -8.20
C PRO A 16 13.70 -0.32 -8.04
N GLY A 17 14.70 -1.12 -8.27
CA GLY A 17 14.57 -2.56 -8.16
C GLY A 17 14.91 -3.02 -6.77
N ALA A 18 14.47 -2.24 -5.80
CA ALA A 18 14.70 -2.49 -4.42
C ALA A 18 13.52 -3.18 -3.76
N GLY A 19 12.78 -2.40 -3.04
CA GLY A 19 11.61 -2.88 -2.34
C GLY A 19 10.31 -2.53 -3.05
N SER A 20 10.03 -1.23 -3.14
CA SER A 20 8.82 -0.77 -3.80
C SER A 20 7.57 -1.24 -3.05
N LEU A 21 6.92 -0.33 -2.33
CA LEU A 21 5.72 -0.67 -1.57
C LEU A 21 4.70 0.47 -1.65
N GLN A 22 3.82 0.41 -2.66
CA GLN A 22 2.80 1.43 -2.85
C GLN A 22 1.46 1.06 -2.20
N PRO A 23 0.75 0.04 -2.71
CA PRO A 23 -0.54 -0.35 -2.14
C PRO A 23 -0.37 -1.02 -0.82
N LEU A 24 0.73 -1.67 -0.76
CA LEU A 24 1.15 -2.41 0.41
C LEU A 24 1.94 -1.50 1.34
N ALA A 25 3.25 -1.70 1.45
CA ALA A 25 4.08 -0.86 2.30
C ALA A 25 3.65 -0.93 3.76
N LEU A 26 4.62 -1.05 4.65
CA LEU A 26 4.34 -1.09 6.08
C LEU A 26 4.31 0.33 6.65
N GLU A 27 4.30 1.28 5.74
CA GLU A 27 4.26 2.69 6.08
C GLU A 27 2.86 3.12 6.49
N GLY A 28 2.28 3.99 5.71
CA GLY A 28 0.95 4.50 6.00
C GLY A 28 0.90 5.20 7.34
N SER A 29 2.02 5.82 7.70
CA SER A 29 2.14 6.51 8.98
C SER A 29 2.33 5.51 10.11
N LEU A 30 2.69 4.29 9.75
CA LEU A 30 2.88 3.19 10.69
C LEU A 30 1.53 2.56 10.91
N GLN A 31 0.89 2.40 9.78
CA GLN A 31 -0.43 1.83 9.69
C GLN A 31 -1.40 2.49 10.67
N GLU A 1 -22.09 7.82 -4.44
CA GLU A 1 -20.78 7.73 -3.73
C GLU A 1 -19.75 8.65 -4.35
N ALA A 2 -18.52 8.62 -3.81
CA ALA A 2 -17.43 9.46 -4.31
C ALA A 2 -16.22 9.45 -3.40
N GLU A 3 -16.42 8.90 -2.25
CA GLU A 3 -15.37 8.79 -1.24
C GLU A 3 -14.42 7.67 -1.56
N ASP A 4 -14.85 6.90 -2.49
CA ASP A 4 -14.10 5.77 -2.99
C ASP A 4 -13.54 6.20 -4.30
N LEU A 5 -13.87 7.43 -4.57
CA LEU A 5 -13.45 8.08 -5.77
C LEU A 5 -12.09 8.70 -5.58
N GLN A 6 -11.82 9.06 -4.33
CA GLN A 6 -10.55 9.68 -3.97
C GLN A 6 -10.05 9.16 -2.63
N VAL A 7 -10.95 8.91 -1.69
CA VAL A 7 -10.59 8.42 -0.36
C VAL A 7 -9.60 9.36 0.33
N GLY A 8 -8.56 9.78 -0.39
CA GLY A 8 -7.60 10.72 0.19
C GLY A 8 -6.32 10.07 0.70
N GLN A 9 -6.32 8.75 0.87
CA GLN A 9 -5.12 8.06 1.35
C GLN A 9 -5.32 6.55 1.37
N VAL A 10 -5.60 5.97 0.20
CA VAL A 10 -5.80 4.54 0.08
C VAL A 10 -5.64 4.09 -1.38
N GLU A 11 -6.00 4.95 -2.32
CA GLU A 11 -5.90 4.65 -3.71
C GLU A 11 -5.90 5.96 -4.45
N LEU A 12 -6.82 6.83 -4.05
CA LEU A 12 -6.91 8.13 -4.61
C LEU A 12 -6.90 8.10 -6.14
N GLY A 13 -5.72 8.21 -6.69
CA GLY A 13 -5.54 8.22 -8.12
C GLY A 13 -4.89 6.96 -8.64
N GLY A 14 -3.66 6.71 -8.18
CA GLY A 14 -2.94 5.53 -8.61
C GLY A 14 -1.49 5.57 -8.18
N GLY A 15 -0.68 6.36 -8.87
CA GLY A 15 0.71 6.49 -8.54
C GLY A 15 1.42 5.15 -8.52
N PRO A 16 2.18 4.81 -9.56
CA PRO A 16 2.90 3.55 -9.61
C PRO A 16 3.65 3.35 -8.33
N GLY A 17 4.29 4.41 -8.00
CA GLY A 17 5.05 4.52 -6.77
C GLY A 17 4.18 5.13 -5.70
N ALA A 18 2.92 4.69 -5.67
CA ALA A 18 1.94 5.17 -4.74
C ALA A 18 1.17 4.02 -4.15
N GLY A 19 1.83 3.38 -3.25
CA GLY A 19 1.27 2.24 -2.55
C GLY A 19 -0.07 2.55 -1.91
N SER A 20 -0.07 3.51 -0.99
CA SER A 20 -1.29 3.91 -0.30
C SER A 20 -2.04 2.69 0.25
N LEU A 21 -1.29 1.64 0.55
CA LEU A 21 -1.89 0.41 1.07
C LEU A 21 -1.40 0.15 2.49
N GLN A 22 -1.79 -1.00 3.04
CA GLN A 22 -1.39 -1.37 4.40
C GLN A 22 -0.14 -2.24 4.41
N PRO A 23 -0.24 -3.52 3.96
CA PRO A 23 0.91 -4.40 3.93
C PRO A 23 1.85 -4.03 2.82
N LEU A 24 1.22 -3.58 1.80
CA LEU A 24 1.86 -3.14 0.58
C LEU A 24 2.10 -1.63 0.62
N ALA A 25 2.94 -1.20 1.55
CA ALA A 25 3.24 0.21 1.68
C ALA A 25 4.41 0.46 2.63
N LEU A 26 4.46 -0.31 3.72
CA LEU A 26 5.52 -0.15 4.70
C LEU A 26 5.52 1.28 5.25
N GLU A 27 4.33 1.87 5.32
CA GLU A 27 4.15 3.22 5.80
C GLU A 27 2.73 3.44 6.30
N GLY A 28 2.10 4.45 5.75
CA GLY A 28 0.74 4.77 6.14
C GLY A 28 0.69 5.33 7.55
N SER A 29 1.78 6.00 7.95
CA SER A 29 1.90 6.57 9.27
C SER A 29 2.22 5.49 10.30
N LEU A 30 2.64 4.33 9.80
CA LEU A 30 2.96 3.17 10.64
C LEU A 30 1.67 2.43 10.90
N GLN A 31 0.94 2.34 9.82
CA GLN A 31 -0.35 1.71 9.78
C GLN A 31 -1.26 2.24 10.88
N GLU A 1 -10.68 2.42 22.70
CA GLU A 1 -11.52 2.09 21.52
C GLU A 1 -12.33 3.29 21.07
N ALA A 2 -13.00 3.15 19.92
CA ALA A 2 -13.82 4.23 19.36
C ALA A 2 -13.02 5.18 18.49
N GLU A 3 -11.75 4.92 18.46
CA GLU A 3 -10.81 5.71 17.67
C GLU A 3 -10.79 5.28 16.24
N ASP A 4 -11.54 4.27 16.00
CA ASP A 4 -11.71 3.71 14.70
C ASP A 4 -12.95 4.30 14.14
N LEU A 5 -13.46 5.17 14.95
CA LEU A 5 -14.67 5.87 14.65
C LEU A 5 -14.39 7.05 13.76
N GLN A 6 -13.26 7.69 14.04
CA GLN A 6 -12.81 8.84 13.31
C GLN A 6 -11.37 9.10 13.61
N VAL A 7 -10.56 8.27 13.02
CA VAL A 7 -9.13 8.32 13.21
C VAL A 7 -8.56 9.68 12.80
N GLY A 8 -9.31 10.43 12.00
CA GLY A 8 -8.86 11.75 11.60
C GLY A 8 -10.00 12.71 11.35
N GLN A 9 -11.07 12.20 10.74
CA GLN A 9 -12.25 12.99 10.45
C GLN A 9 -13.47 12.08 10.22
N VAL A 10 -13.21 10.89 9.68
CA VAL A 10 -14.26 9.93 9.42
C VAL A 10 -13.69 8.51 9.35
N GLU A 11 -12.63 8.34 8.57
CA GLU A 11 -11.99 7.07 8.41
C GLU A 11 -10.65 7.28 7.72
N LEU A 12 -10.67 8.17 6.73
CA LEU A 12 -9.50 8.52 5.94
C LEU A 12 -8.51 7.37 5.84
N GLY A 13 -7.87 7.09 6.95
CA GLY A 13 -6.90 6.03 7.03
C GLY A 13 -5.48 6.55 7.08
N GLY A 14 -5.19 7.56 6.25
CA GLY A 14 -3.86 8.13 6.23
C GLY A 14 -3.61 8.96 4.99
N GLY A 15 -4.36 10.04 4.84
CA GLY A 15 -4.20 10.90 3.69
C GLY A 15 -5.47 11.69 3.39
N PRO A 16 -5.56 12.93 3.86
CA PRO A 16 -6.73 13.77 3.60
C PRO A 16 -7.11 13.77 2.15
N GLY A 17 -6.08 13.93 1.42
CA GLY A 17 -6.15 13.95 -0.03
C GLY A 17 -5.82 12.58 -0.61
N ALA A 18 -6.14 11.55 0.17
CA ALA A 18 -5.88 10.19 -0.21
C ALA A 18 -7.14 9.52 -0.73
N GLY A 19 -7.66 8.68 0.10
CA GLY A 19 -8.87 7.94 -0.23
C GLY A 19 -8.58 6.76 -1.14
N SER A 20 -7.37 6.22 -1.05
CA SER A 20 -6.97 5.09 -1.88
C SER A 20 -6.24 4.04 -1.03
N LEU A 21 -5.33 3.29 -1.65
CA LEU A 21 -4.58 2.26 -0.93
C LEU A 21 -3.76 2.88 0.19
N GLN A 22 -2.68 2.19 0.60
CA GLN A 22 -1.79 2.65 1.68
C GLN A 22 -1.93 1.80 2.95
N PRO A 23 -3.06 1.08 3.18
CA PRO A 23 -3.20 0.26 4.40
C PRO A 23 -2.39 -1.00 4.31
N LEU A 24 -2.34 -1.43 3.10
CA LEU A 24 -1.62 -2.62 2.71
C LEU A 24 -0.20 -2.28 2.29
N ALA A 25 0.37 -1.24 2.93
CA ALA A 25 1.71 -0.79 2.62
C ALA A 25 2.59 -0.77 3.88
N LEU A 26 3.89 -0.80 3.68
CA LEU A 26 4.83 -0.75 4.80
C LEU A 26 5.05 0.69 5.20
N GLU A 27 3.95 1.40 5.43
CA GLU A 27 3.98 2.80 5.80
C GLU A 27 2.62 3.25 6.29
N GLY A 28 2.08 4.26 5.65
CA GLY A 28 0.78 4.80 6.02
C GLY A 28 0.83 5.42 7.40
N SER A 29 2.00 5.98 7.74
CA SER A 29 2.21 6.60 9.04
C SER A 29 2.41 5.55 10.12
N LEU A 30 2.69 4.32 9.68
CA LEU A 30 2.87 3.18 10.57
C LEU A 30 1.52 2.60 10.86
N GLN A 31 0.78 2.53 9.77
CA GLN A 31 -0.56 2.04 9.76
C GLN A 31 -1.43 2.73 10.81
N GLU A 1 17.01 16.16 7.89
CA GLU A 1 16.58 16.70 6.58
C GLU A 1 16.74 15.66 5.48
N ALA A 2 16.24 16.01 4.28
CA ALA A 2 16.33 15.10 3.12
C ALA A 2 15.13 14.18 3.04
N GLU A 3 14.31 14.29 4.04
CA GLU A 3 13.09 13.48 4.14
C GLU A 3 12.01 13.97 3.23
N ASP A 4 12.31 15.08 2.65
CA ASP A 4 11.49 15.71 1.66
C ASP A 4 12.06 15.25 0.37
N LEU A 5 13.08 14.44 0.59
CA LEU A 5 13.85 13.84 -0.43
C LEU A 5 13.94 12.33 -0.22
N GLN A 6 13.33 11.85 0.86
CA GLN A 6 13.31 10.44 1.17
C GLN A 6 11.97 10.02 1.71
N VAL A 7 11.01 10.13 0.82
CA VAL A 7 9.64 9.78 1.09
C VAL A 7 8.89 9.60 -0.23
N GLY A 8 9.55 8.93 -1.17
CA GLY A 8 8.94 8.68 -2.46
C GLY A 8 7.73 7.79 -2.37
N GLN A 9 7.96 6.54 -1.97
CA GLN A 9 6.88 5.58 -1.82
C GLN A 9 6.46 5.49 -0.36
N VAL A 10 7.42 5.66 0.53
CA VAL A 10 7.16 5.60 1.97
C VAL A 10 8.24 6.37 2.73
N GLU A 11 9.51 6.09 2.42
CA GLU A 11 10.63 6.76 3.06
C GLU A 11 11.87 6.45 2.26
N LEU A 12 11.95 5.18 1.90
CA LEU A 12 12.99 4.66 1.08
C LEU A 12 13.00 5.36 -0.23
N GLY A 13 11.79 5.61 -0.67
CA GLY A 13 11.56 6.26 -1.93
C GLY A 13 11.35 5.27 -3.05
N GLY A 14 12.08 4.16 -2.99
CA GLY A 14 11.96 3.12 -4.01
C GLY A 14 12.24 3.64 -5.40
N GLY A 15 13.27 3.10 -6.04
CA GLY A 15 13.61 3.51 -7.39
C GLY A 15 12.73 2.88 -8.44
N PRO A 16 13.22 1.87 -9.18
CA PRO A 16 12.47 1.21 -10.22
C PRO A 16 11.74 -0.04 -9.75
N GLY A 17 12.51 -1.07 -9.57
CA GLY A 17 11.98 -2.34 -9.10
C GLY A 17 12.07 -2.41 -7.59
N ALA A 18 11.77 -1.29 -6.97
CA ALA A 18 11.83 -1.13 -5.56
C ALA A 18 10.47 -1.29 -4.92
N GLY A 19 9.95 -0.18 -4.50
CA GLY A 19 8.66 -0.12 -3.85
C GLY A 19 7.64 0.67 -4.64
N SER A 20 7.65 0.50 -5.96
CA SER A 20 6.72 1.23 -6.83
C SER A 20 5.28 1.02 -6.38
N LEU A 21 5.03 -0.09 -5.69
CA LEU A 21 3.69 -0.41 -5.20
C LEU A 21 3.21 0.65 -4.22
N GLN A 22 3.35 0.38 -2.90
CA GLN A 22 2.93 1.32 -1.84
C GLN A 22 1.69 0.85 -1.06
N PRO A 23 0.79 0.02 -1.65
CA PRO A 23 -0.40 -0.45 -0.94
C PRO A 23 -0.08 -1.53 0.04
N LEU A 24 0.88 -2.26 -0.37
CA LEU A 24 1.41 -3.38 0.37
C LEU A 24 2.61 -2.93 1.21
N ALA A 25 2.53 -1.70 1.70
CA ALA A 25 3.59 -1.11 2.50
C ALA A 25 3.22 -1.10 3.98
N LEU A 26 4.21 -1.23 4.84
CA LEU A 26 3.98 -1.20 6.28
C LEU A 26 4.03 0.24 6.78
N GLU A 27 4.04 1.16 5.84
CA GLU A 27 4.07 2.58 6.12
C GLU A 27 2.69 3.08 6.52
N GLY A 28 2.14 3.97 5.72
CA GLY A 28 0.84 4.53 6.00
C GLY A 28 0.81 5.24 7.34
N SER A 29 1.96 5.82 7.69
CA SER A 29 2.10 6.54 8.95
C SER A 29 2.30 5.54 10.10
N LEU A 30 2.64 4.31 9.74
CA LEU A 30 2.82 3.22 10.70
C LEU A 30 1.47 2.59 10.92
N GLN A 31 0.82 2.42 9.81
CA GLN A 31 -0.50 1.87 9.72
C GLN A 31 -1.46 2.55 10.70
N GLU A 1 -7.15 6.50 -7.33
CA GLU A 1 -8.14 6.19 -8.40
C GLU A 1 -9.29 5.35 -7.85
N ALA A 2 -10.32 5.15 -8.67
CA ALA A 2 -11.48 4.36 -8.27
C ALA A 2 -11.55 3.05 -9.01
N GLU A 3 -10.65 2.90 -9.94
CA GLU A 3 -10.57 1.70 -10.75
C GLU A 3 -9.92 0.57 -10.01
N ASP A 4 -9.37 0.94 -8.92
CA ASP A 4 -8.73 0.03 -8.01
C ASP A 4 -9.67 -0.16 -6.88
N LEU A 5 -10.76 0.52 -7.04
CA LEU A 5 -11.82 0.51 -6.08
C LEU A 5 -12.73 -0.67 -6.35
N GLN A 6 -12.90 -0.96 -7.63
CA GLN A 6 -13.72 -2.06 -8.07
C GLN A 6 -13.41 -2.38 -9.50
N VAL A 7 -12.30 -3.05 -9.64
CA VAL A 7 -11.78 -3.43 -10.94
C VAL A 7 -12.80 -4.26 -11.71
N GLY A 8 -13.51 -5.14 -11.01
CA GLY A 8 -14.54 -5.94 -11.67
C GLY A 8 -14.40 -7.43 -11.41
N GLN A 9 -14.18 -7.80 -10.15
CA GLN A 9 -14.04 -9.22 -9.80
C GLN A 9 -12.74 -9.78 -10.38
N VAL A 10 -11.86 -8.88 -10.80
CA VAL A 10 -10.58 -9.28 -11.36
C VAL A 10 -9.59 -9.56 -10.23
N GLU A 11 -9.76 -8.86 -9.12
CA GLU A 11 -8.88 -9.05 -7.99
C GLU A 11 -9.53 -8.42 -6.79
N LEU A 12 -10.07 -7.22 -6.99
CA LEU A 12 -10.75 -6.53 -5.97
C LEU A 12 -9.98 -6.55 -4.66
N GLY A 13 -10.26 -7.56 -3.87
CA GLY A 13 -9.63 -7.73 -2.59
C GLY A 13 -9.16 -9.15 -2.35
N GLY A 14 -8.77 -9.83 -3.42
CA GLY A 14 -8.31 -11.20 -3.30
C GLY A 14 -6.86 -11.35 -3.69
N GLY A 15 -5.97 -11.10 -2.74
CA GLY A 15 -4.54 -11.23 -3.00
C GLY A 15 -3.76 -10.10 -2.37
N PRO A 16 -3.09 -10.34 -1.23
CA PRO A 16 -2.28 -9.32 -0.55
C PRO A 16 -1.37 -8.63 -1.50
N GLY A 17 -0.81 -9.47 -2.30
CA GLY A 17 0.12 -9.08 -3.33
C GLY A 17 -0.56 -8.97 -4.68
N ALA A 18 -1.87 -8.71 -4.64
CA ALA A 18 -2.68 -8.59 -5.84
C ALA A 18 -2.49 -7.27 -6.54
N GLY A 19 -1.72 -6.46 -5.91
CA GLY A 19 -1.40 -5.13 -6.41
C GLY A 19 -2.36 -4.07 -5.88
N SER A 20 -2.32 -3.84 -4.58
CA SER A 20 -3.18 -2.85 -3.95
C SER A 20 -2.93 -2.78 -2.45
N LEU A 21 -3.87 -2.18 -1.71
CA LEU A 21 -3.75 -2.05 -0.26
C LEU A 21 -2.60 -1.13 0.12
N GLN A 22 -2.91 -0.14 0.95
CA GLN A 22 -1.93 0.83 1.41
C GLN A 22 -1.30 0.48 2.77
N PRO A 23 -1.85 -0.47 3.57
CA PRO A 23 -1.28 -0.81 4.87
C PRO A 23 0.00 -1.58 4.71
N LEU A 24 0.02 -2.21 3.60
CA LEU A 24 1.13 -3.04 3.16
C LEU A 24 2.13 -2.21 2.36
N ALA A 25 2.21 -0.92 2.69
CA ALA A 25 3.10 -0.01 1.99
C ALA A 25 4.29 0.38 2.88
N LEU A 26 4.58 -0.44 3.88
CA LEU A 26 5.69 -0.17 4.79
C LEU A 26 5.64 1.28 5.27
N GLU A 27 4.42 1.82 5.35
CA GLU A 27 4.20 3.19 5.77
C GLU A 27 2.78 3.38 6.28
N GLY A 28 2.11 4.36 5.71
CA GLY A 28 0.75 4.66 6.10
C GLY A 28 0.70 5.25 7.49
N SER A 29 1.76 5.96 7.86
CA SER A 29 1.87 6.57 9.17
C SER A 29 2.20 5.53 10.24
N LEU A 30 2.61 4.34 9.77
CA LEU A 30 2.94 3.21 10.63
C LEU A 30 1.66 2.50 10.93
N GLN A 31 0.91 2.38 9.85
CA GLN A 31 -0.38 1.74 9.85
C GLN A 31 -1.28 2.30 10.95
N GLU A 1 16.81 8.52 10.14
CA GLU A 1 15.78 7.64 9.52
C GLU A 1 16.25 6.19 9.47
N ALA A 2 15.34 5.30 9.09
CA ALA A 2 15.67 3.87 9.01
C ALA A 2 14.52 3.03 8.48
N GLU A 3 13.40 3.66 8.35
CA GLU A 3 12.20 3.01 7.84
C GLU A 3 12.23 2.90 6.35
N ASP A 4 13.17 3.61 5.82
CA ASP A 4 13.42 3.63 4.39
C ASP A 4 14.62 2.78 4.18
N LEU A 5 15.04 2.26 5.29
CA LEU A 5 16.18 1.40 5.34
C LEU A 5 15.77 -0.01 5.01
N GLN A 6 14.55 -0.33 5.45
CA GLN A 6 13.97 -1.64 5.23
C GLN A 6 12.52 -1.60 5.63
N VAL A 7 11.75 -1.06 4.73
CA VAL A 7 10.34 -0.90 4.92
C VAL A 7 9.66 -2.23 5.23
N GLY A 8 10.11 -3.31 4.58
CA GLY A 8 9.54 -4.60 4.87
C GLY A 8 8.45 -5.02 3.90
N GLN A 9 8.50 -4.50 2.67
CA GLN A 9 7.51 -4.89 1.68
C GLN A 9 7.89 -6.27 1.16
N VAL A 10 9.18 -6.55 1.25
CA VAL A 10 9.75 -7.82 0.86
C VAL A 10 11.13 -7.97 1.50
N GLU A 11 11.99 -6.96 1.31
CA GLU A 11 13.33 -6.97 1.86
C GLU A 11 14.05 -5.72 1.40
N LEU A 12 13.76 -5.37 0.14
CA LEU A 12 14.30 -4.22 -0.56
C LEU A 12 15.56 -3.67 0.07
N GLY A 13 15.40 -3.25 1.30
CA GLY A 13 16.49 -2.70 2.07
C GLY A 13 16.93 -1.32 1.61
N GLY A 14 16.51 -0.90 0.42
CA GLY A 14 16.88 0.40 -0.09
C GLY A 14 15.74 1.40 -0.01
N GLY A 15 15.65 2.26 -1.02
CA GLY A 15 14.58 3.26 -1.04
C GLY A 15 14.21 3.68 -2.44
N PRO A 16 15.09 4.44 -3.13
CA PRO A 16 14.84 4.90 -4.49
C PRO A 16 14.77 3.78 -5.49
N GLY A 17 15.82 3.02 -5.45
CA GLY A 17 15.96 1.86 -6.31
C GLY A 17 15.49 0.62 -5.61
N ALA A 18 14.40 0.77 -4.86
CA ALA A 18 13.81 -0.29 -4.11
C ALA A 18 12.50 -0.74 -4.73
N GLY A 19 11.46 -0.43 -4.03
CA GLY A 19 10.13 -0.77 -4.45
C GLY A 19 9.09 0.26 -4.05
N SER A 20 8.87 0.39 -2.75
CA SER A 20 7.90 1.35 -2.23
C SER A 20 6.49 1.03 -2.72
N LEU A 21 5.65 0.53 -1.82
CA LEU A 21 4.27 0.17 -2.16
C LEU A 21 3.28 0.99 -1.35
N GLN A 22 2.01 0.91 -1.74
CA GLN A 22 0.96 1.64 -1.05
C GLN A 22 0.15 0.75 -0.10
N PRO A 23 -0.67 -0.18 -0.62
CA PRO A 23 -1.45 -1.08 0.24
C PRO A 23 -0.59 -2.14 0.85
N LEU A 24 0.39 -2.44 0.09
CA LEU A 24 1.40 -3.43 0.41
C LEU A 24 2.59 -2.78 1.10
N ALA A 25 2.33 -1.70 1.84
CA ALA A 25 3.38 -0.98 2.54
C ALA A 25 3.11 -0.94 4.04
N LEU A 26 4.17 -1.12 4.83
CA LEU A 26 4.04 -1.07 6.28
C LEU A 26 4.10 0.37 6.76
N GLU A 27 4.08 1.27 5.80
CA GLU A 27 4.11 2.70 6.05
C GLU A 27 2.75 3.21 6.48
N GLY A 28 2.22 4.15 5.73
CA GLY A 28 0.93 4.72 6.05
C GLY A 28 0.93 5.37 7.41
N SER A 29 2.07 5.95 7.76
CA SER A 29 2.25 6.60 9.06
C SER A 29 2.38 5.57 10.17
N LEU A 30 2.66 4.32 9.76
CA LEU A 30 2.79 3.19 10.68
C LEU A 30 1.41 2.62 10.89
N GLN A 31 0.75 2.54 9.75
CA GLN A 31 -0.60 2.05 9.65
C GLN A 31 -1.53 2.76 10.64
N GLU A 1 11.52 -15.54 -5.08
CA GLU A 1 10.87 -14.38 -5.75
C GLU A 1 9.94 -14.86 -6.86
N ALA A 2 9.52 -13.92 -7.72
CA ALA A 2 8.61 -14.22 -8.84
C ALA A 2 7.21 -13.73 -8.54
N GLU A 3 7.03 -13.32 -7.33
CA GLU A 3 5.75 -12.81 -6.87
C GLU A 3 5.60 -11.35 -7.20
N ASP A 4 6.70 -10.84 -7.63
CA ASP A 4 6.80 -9.46 -8.06
C ASP A 4 6.70 -9.49 -9.55
N LEU A 5 6.51 -10.70 -9.98
CA LEU A 5 6.38 -10.99 -11.38
C LEU A 5 4.96 -10.73 -11.84
N GLN A 6 4.02 -10.85 -10.90
CA GLN A 6 2.62 -10.63 -11.19
C GLN A 6 1.88 -10.01 -10.01
N VAL A 7 2.21 -10.47 -8.80
CA VAL A 7 1.58 -9.98 -7.57
C VAL A 7 0.05 -10.13 -7.57
N GLY A 8 -0.57 -10.25 -8.75
CA GLY A 8 -2.01 -10.41 -8.80
C GLY A 8 -2.59 -10.12 -10.17
N GLN A 9 -2.48 -8.87 -10.62
CA GLN A 9 -3.02 -8.49 -11.91
C GLN A 9 -1.97 -8.61 -13.01
N VAL A 10 -1.39 -9.79 -13.08
CA VAL A 10 -0.36 -10.16 -14.04
C VAL A 10 0.94 -9.40 -13.80
N GLU A 11 0.84 -8.19 -13.25
CA GLU A 11 2.05 -7.41 -12.98
C GLU A 11 1.67 -6.19 -12.18
N LEU A 12 0.85 -5.41 -12.83
CA LEU A 12 0.32 -4.21 -12.27
C LEU A 12 -0.17 -4.43 -10.87
N GLY A 13 -0.85 -5.53 -10.73
CA GLY A 13 -1.41 -5.92 -9.45
C GLY A 13 -1.94 -4.75 -8.63
N GLY A 14 -2.38 -3.70 -9.33
CA GLY A 14 -2.90 -2.53 -8.65
C GLY A 14 -1.86 -1.87 -7.75
N GLY A 15 -1.48 -0.64 -8.10
CA GLY A 15 -0.49 0.07 -7.32
C GLY A 15 -1.05 0.65 -6.03
N PRO A 16 -1.30 1.98 -5.99
CA PRO A 16 -1.82 2.65 -4.80
C PRO A 16 -3.33 2.75 -4.77
N GLY A 17 -3.82 3.65 -5.58
CA GLY A 17 -5.25 3.86 -5.69
C GLY A 17 -5.85 2.99 -6.77
N ALA A 18 -5.26 1.82 -6.91
CA ALA A 18 -5.66 0.85 -7.91
C ALA A 18 -6.85 0.03 -7.48
N GLY A 19 -7.25 0.29 -6.28
CA GLY A 19 -8.38 -0.38 -5.68
C GLY A 19 -8.02 -1.06 -4.37
N SER A 20 -8.18 -0.33 -3.27
CA SER A 20 -7.88 -0.84 -1.94
C SER A 20 -6.38 -0.87 -1.67
N LEU A 21 -5.96 -1.66 -0.69
CA LEU A 21 -4.54 -1.78 -0.32
C LEU A 21 -4.13 -0.62 0.57
N GLN A 22 -2.80 -0.49 0.77
CA GLN A 22 -2.20 0.55 1.62
C GLN A 22 -1.59 -0.02 2.91
N PRO A 23 -2.01 -1.22 3.41
CA PRO A 23 -1.44 -1.78 4.63
C PRO A 23 -0.11 -2.42 4.40
N LEU A 24 -0.03 -2.92 3.23
CA LEU A 24 1.15 -3.59 2.72
C LEU A 24 2.04 -2.58 2.01
N ALA A 25 2.32 -1.49 2.69
CA ALA A 25 3.13 -0.42 2.14
C ALA A 25 4.33 -0.11 3.03
N LEU A 26 4.55 -0.94 4.04
CA LEU A 26 5.67 -0.71 4.97
C LEU A 26 5.72 0.76 5.37
N GLU A 27 4.53 1.36 5.45
CA GLU A 27 4.41 2.76 5.80
C GLU A 27 2.95 3.08 6.15
N GLY A 28 2.45 4.19 5.63
CA GLY A 28 1.09 4.60 5.91
C GLY A 28 0.98 5.24 7.28
N SER A 29 2.08 5.85 7.71
CA SER A 29 2.15 6.51 9.02
C SER A 29 2.31 5.49 10.14
N LEU A 30 2.62 4.25 9.76
CA LEU A 30 2.78 3.15 10.69
C LEU A 30 1.41 2.60 10.98
N GLN A 31 0.69 2.51 9.87
CA GLN A 31 -0.66 2.03 9.85
C GLN A 31 -1.54 2.76 10.85
N GLU A 1 -17.12 -0.33 -7.30
CA GLU A 1 -16.46 0.04 -6.02
C GLU A 1 -15.65 1.33 -6.17
N ALA A 2 -15.13 1.83 -5.05
CA ALA A 2 -14.34 3.06 -5.06
C ALA A 2 -12.87 2.77 -4.80
N GLU A 3 -12.60 1.53 -4.50
CA GLU A 3 -11.25 1.05 -4.21
C GLU A 3 -10.45 0.87 -5.47
N ASP A 4 -11.12 1.09 -6.52
CA ASP A 4 -10.57 1.05 -7.84
C ASP A 4 -10.39 2.47 -8.22
N LEU A 5 -10.71 3.24 -7.20
CA LEU A 5 -10.67 4.67 -7.26
C LEU A 5 -10.16 5.26 -5.97
N GLN A 6 -9.64 4.39 -5.12
CA GLN A 6 -9.10 4.85 -3.88
C GLN A 6 -8.35 3.74 -3.17
N VAL A 7 -7.18 3.47 -3.68
CA VAL A 7 -6.32 2.46 -3.12
C VAL A 7 -4.84 2.67 -3.46
N GLY A 8 -4.51 3.64 -4.32
CA GLY A 8 -3.12 3.86 -4.66
C GLY A 8 -2.64 5.25 -4.30
N GLN A 9 -3.49 6.24 -4.50
CA GLN A 9 -3.15 7.62 -4.20
C GLN A 9 -4.27 8.56 -4.60
N VAL A 10 -5.06 8.15 -5.60
CA VAL A 10 -6.16 8.98 -6.08
C VAL A 10 -7.20 8.13 -6.81
N GLU A 11 -6.75 7.28 -7.72
CA GLU A 11 -7.63 6.46 -8.50
C GLU A 11 -6.81 5.49 -9.32
N LEU A 12 -5.70 6.02 -9.85
CA LEU A 12 -4.77 5.27 -10.67
C LEU A 12 -5.46 4.16 -11.45
N GLY A 13 -5.86 3.14 -10.71
CA GLY A 13 -6.53 2.00 -11.29
C GLY A 13 -5.87 1.50 -12.56
N GLY A 14 -4.59 1.13 -12.46
CA GLY A 14 -3.87 0.64 -13.61
C GLY A 14 -3.04 -0.59 -13.29
N GLY A 15 -3.51 -1.38 -12.33
CA GLY A 15 -2.81 -2.58 -11.94
C GLY A 15 -2.29 -2.49 -10.52
N PRO A 16 -2.88 -3.25 -9.58
CA PRO A 16 -2.44 -3.25 -8.18
C PRO A 16 -0.96 -3.34 -8.07
N GLY A 17 -0.49 -4.20 -8.90
CA GLY A 17 0.93 -4.47 -9.03
C GLY A 17 1.51 -3.79 -10.24
N ALA A 18 1.04 -2.57 -10.47
CA ALA A 18 1.45 -1.77 -11.59
C ALA A 18 2.64 -0.91 -11.24
N GLY A 19 2.36 0.33 -11.06
CA GLY A 19 3.38 1.31 -10.71
C GLY A 19 3.96 1.08 -9.34
N SER A 20 3.16 1.32 -8.30
CA SER A 20 3.61 1.14 -6.93
C SER A 20 2.53 0.46 -6.10
N LEU A 21 2.93 -0.13 -4.97
CA LEU A 21 1.99 -0.81 -4.09
C LEU A 21 2.13 -0.29 -2.66
N GLN A 22 1.32 0.71 -2.35
CA GLN A 22 1.31 1.34 -1.03
C GLN A 22 0.22 0.80 -0.10
N PRO A 23 -0.81 0.07 -0.60
CA PRO A 23 -1.86 -0.45 0.29
C PRO A 23 -1.35 -1.53 1.18
N LEU A 24 -0.45 -2.20 0.57
CA LEU A 24 0.25 -3.32 1.18
C LEU A 24 1.56 -2.86 1.82
N ALA A 25 1.61 -1.57 2.17
CA ALA A 25 2.80 -0.99 2.78
C ALA A 25 2.65 -0.87 4.28
N LEU A 26 3.73 -1.10 5.02
CA LEU A 26 3.70 -0.98 6.46
C LEU A 26 3.85 0.47 6.86
N GLU A 27 3.87 1.32 5.85
CA GLU A 27 3.99 2.75 6.03
C GLU A 27 2.66 3.36 6.44
N GLY A 28 2.21 4.33 5.69
CA GLY A 28 0.95 5.00 5.99
C GLY A 28 0.96 5.60 7.37
N SER A 29 2.12 6.11 7.77
CA SER A 29 2.29 6.70 9.09
C SER A 29 2.32 5.61 10.17
N LEU A 30 2.55 4.36 9.72
CA LEU A 30 2.57 3.20 10.59
C LEU A 30 1.16 2.71 10.73
N GLN A 31 0.53 2.71 9.58
CA GLN A 31 -0.84 2.30 9.42
C GLN A 31 -1.76 3.00 10.42
#